data_7LFA
#
_entry.id   7LFA
#
_cell.length_a   52.753
_cell.length_b   71.867
_cell.length_c   123.436
_cell.angle_alpha   80.160
_cell.angle_beta   85.050
_cell.angle_gamma   90.160
#
_symmetry.space_group_name_H-M   'P 1'
#
loop_
_entity.id
_entity.type
_entity.pdbx_description
1 polymer 'Apolipoprotein L1'
2 polymer 'Fab 3B6 heavy chain'
3 polymer 'Fab 3B6 light chain'
4 non-polymer GLYCEROL
5 non-polymer 'CHLORIDE ION'
6 water water
#
loop_
_entity_poly.entity_id
_entity_poly.type
_entity_poly.pdbx_seq_one_letter_code
_entity_poly.pdbx_strand_id
1 'polypeptide(L)'
;MDYKDDDDKGENLYFQGSDPESSIFIEDAIKYFKEKVSTQNLLLLLTDNEAWNGFVAAAELPRNEADELRKALDNLARQM
IMKDKNWHDKGQQYRNWFLKEFPRLKSELEDNIRRLRALADGVQKVHKGT
;
A,C
2 'polypeptide(L)'
;QVQLQQSGAELARPGASVKLSCKASGYTFTSHWMQWLKQRPGQGLEWIGAIYPGDGDTKFTQKFKDKATLTADKSSTTAY
MQLSSLASEDSAVYYCARENLYGYYFDYWGQGTTLTVSSASTKGPSVFPLAPSSKSTSGGTAALGCLVKDYFPEPVTVSW
NSGALTSGVHTFPAVLQSSGLYSLSSVVTVPSSSLGTQTYICNVNHKPSNTKVDKKVEPKSCD
;
B,H
3 'polypeptide(L)'
;QAVVTQESALTTSPGETVTLTCRSSTGAVTSGNFANWVQEKPDHLFTGLIGGADNRAPGVPARFSGSLIGDKAALIITGA
QTEDEAIYFCALWYSDHWVFGGGTKLTVLGQPKAAPSVTLFPPSSEELQANKATLVCLISDFYPGAVTVAWKADSSPVKA
GVETTTPSKQSNNKYAASSYLSLTPEQWKSHKSYSCQVTHEGSTVEKTVAPTECS
;
D,L
#
# COMPACT_ATOMS: atom_id res chain seq x y z
N ILE A 24 5.84 20.36 -67.26
CA ILE A 24 6.95 19.53 -66.84
C ILE A 24 7.87 20.31 -65.90
N PHE A 25 8.39 21.43 -66.38
CA PHE A 25 9.29 22.28 -65.61
C PHE A 25 8.69 22.71 -64.27
N ILE A 26 7.46 23.23 -64.32
CA ILE A 26 6.75 23.63 -63.11
C ILE A 26 6.53 22.41 -62.21
N GLU A 27 6.11 21.32 -62.83
CA GLU A 27 5.95 20.05 -62.12
C GLU A 27 7.27 19.63 -61.46
N ASP A 28 8.37 19.88 -62.16
CA ASP A 28 9.70 19.59 -61.64
C ASP A 28 10.08 20.53 -60.50
N ALA A 29 9.66 21.79 -60.61
CA ALA A 29 9.99 22.81 -59.61
C ALA A 29 9.31 22.53 -58.27
N ILE A 30 8.06 22.07 -58.33
CA ILE A 30 7.30 21.74 -57.12
C ILE A 30 8.00 20.63 -56.35
N LYS A 31 8.47 19.60 -57.06
CA LYS A 31 9.15 18.50 -56.40
C LYS A 31 10.46 18.99 -55.76
N TYR A 32 10.89 20.20 -56.13
CA TYR A 32 12.10 20.77 -55.55
C TYR A 32 11.83 21.60 -54.29
N PHE A 33 10.74 22.36 -54.32
CA PHE A 33 10.38 23.21 -53.19
C PHE A 33 10.04 22.36 -51.95
N LYS A 34 9.83 21.07 -52.16
CA LYS A 34 9.57 20.12 -51.09
C LYS A 34 10.86 19.50 -50.53
N GLU A 35 11.96 19.61 -51.28
CA GLU A 35 13.25 19.03 -50.88
C GLU A 35 14.17 20.00 -50.14
N LYS A 36 14.49 21.13 -50.79
CA LYS A 36 15.44 22.11 -50.26
C LYS A 36 14.78 23.18 -49.39
N VAL A 37 13.66 23.72 -49.87
CA VAL A 37 13.03 24.89 -49.27
C VAL A 37 12.15 24.57 -48.07
N SER A 38 12.33 25.33 -46.99
CA SER A 38 11.49 25.23 -45.81
C SER A 38 10.22 26.05 -46.03
N THR A 39 9.17 25.76 -45.27
CA THR A 39 7.91 26.48 -45.41
C THR A 39 8.11 27.97 -45.19
N GLN A 40 8.99 28.32 -44.26
CA GLN A 40 9.28 29.72 -44.03
C GLN A 40 9.85 30.37 -45.28
N ASN A 41 10.86 29.73 -45.86
CA ASN A 41 11.55 30.29 -47.02
C ASN A 41 10.59 30.39 -48.20
N LEU A 42 9.67 29.44 -48.30
CA LEU A 42 8.73 29.47 -49.41
C LEU A 42 7.76 30.64 -49.25
N LEU A 43 7.32 30.90 -48.02
CA LEU A 43 6.39 32.01 -47.79
C LEU A 43 7.08 33.35 -48.06
N LEU A 44 8.32 33.50 -47.58
CA LEU A 44 9.11 34.68 -47.86
C LEU A 44 9.17 34.96 -49.35
N LEU A 45 9.22 33.89 -50.14
CA LEU A 45 9.31 34.00 -51.58
C LEU A 45 7.97 34.44 -52.17
N LEU A 46 6.89 33.95 -51.56
CA LEU A 46 5.53 34.22 -52.04
C LEU A 46 5.01 35.58 -51.59
N THR A 47 5.37 35.97 -50.38
CA THR A 47 4.85 37.19 -49.76
C THR A 47 5.47 38.49 -50.30
N ASP A 48 6.78 38.51 -50.51
CA ASP A 48 7.45 39.72 -51.01
C ASP A 48 7.51 39.77 -52.55
N ASN A 49 7.00 40.83 -53.16
CA ASN A 49 6.98 40.94 -54.62
C ASN A 49 8.36 41.25 -55.19
N GLU A 50 9.23 41.80 -54.36
CA GLU A 50 10.61 42.02 -54.75
C GLU A 50 11.31 40.66 -54.85
N ALA A 51 10.97 39.78 -53.91
CA ALA A 51 11.51 38.43 -53.86
C ALA A 51 11.07 37.54 -55.02
N TRP A 52 9.84 37.68 -55.48
CA TRP A 52 9.34 36.86 -56.57
C TRP A 52 10.03 37.27 -57.85
N ASN A 53 10.18 38.58 -58.04
CA ASN A 53 10.83 39.13 -59.22
C ASN A 53 12.27 38.66 -59.29
N GLY A 54 12.98 38.77 -58.18
CA GLY A 54 14.35 38.32 -58.12
C GLY A 54 14.39 36.85 -58.50
N PHE A 55 13.31 36.14 -58.18
CA PHE A 55 13.18 34.73 -58.52
C PHE A 55 12.85 34.49 -60.00
N VAL A 56 11.73 35.05 -60.49
CA VAL A 56 11.29 34.77 -61.86
C VAL A 56 12.20 35.39 -62.92
N ALA A 57 12.70 36.60 -62.65
CA ALA A 57 13.56 37.29 -63.59
C ALA A 57 14.93 36.61 -63.67
N ALA A 58 15.48 36.24 -62.51
CA ALA A 58 16.75 35.52 -62.45
C ALA A 58 16.66 34.16 -63.12
N ALA A 59 15.48 33.54 -63.06
CA ALA A 59 15.24 32.26 -63.71
C ALA A 59 14.91 32.47 -65.18
N GLU A 60 14.68 33.72 -65.55
CA GLU A 60 14.31 34.08 -66.91
C GLU A 60 13.04 33.36 -67.34
N LEU A 61 12.04 33.40 -66.46
CA LEU A 61 10.76 32.74 -66.72
C LEU A 61 9.85 33.61 -67.58
N PRO A 62 9.04 32.99 -68.46
CA PRO A 62 7.98 33.73 -69.14
C PRO A 62 6.92 34.21 -68.15
N ARG A 63 6.30 35.35 -68.43
CA ARG A 63 5.30 35.93 -67.52
C ARG A 63 4.06 35.06 -67.38
N ASN A 64 3.57 34.50 -68.48
CA ASN A 64 2.37 33.66 -68.46
C ASN A 64 2.59 32.41 -67.58
N GLU A 65 3.73 31.76 -67.78
CA GLU A 65 4.11 30.60 -66.97
C GLU A 65 4.39 31.01 -65.52
N ALA A 66 4.89 32.23 -65.33
CA ALA A 66 5.21 32.72 -64.00
C ALA A 66 3.98 32.73 -63.09
N ASP A 67 2.87 33.26 -63.58
CA ASP A 67 1.64 33.30 -62.80
C ASP A 67 1.10 31.89 -62.50
N GLU A 68 1.19 30.99 -63.49
CA GLU A 68 0.76 29.61 -63.28
C GLU A 68 1.59 28.98 -62.15
N LEU A 69 2.87 29.32 -62.11
CA LEU A 69 3.78 28.83 -61.08
C LEU A 69 3.50 29.47 -59.72
N ARG A 70 3.33 30.79 -59.70
CA ARG A 70 3.01 31.50 -58.46
C ARG A 70 1.72 30.92 -57.87
N LYS A 71 0.79 30.54 -58.75
CA LYS A 71 -0.45 29.91 -58.34
C LYS A 71 -0.22 28.53 -57.71
N ALA A 72 0.74 27.78 -58.26
CA ALA A 72 1.04 26.43 -57.79
C ALA A 72 1.76 26.42 -56.45
N LEU A 73 2.64 27.38 -56.24
CA LEU A 73 3.37 27.49 -54.98
C LEU A 73 2.43 27.90 -53.85
N ASP A 74 1.58 28.89 -54.13
CA ASP A 74 0.52 29.26 -53.20
C ASP A 74 -0.21 27.98 -52.79
N ASN A 75 -0.52 27.16 -53.79
CA ASN A 75 -1.19 25.89 -53.54
C ASN A 75 -0.33 25.00 -52.64
N LEU A 76 0.97 24.93 -52.94
CA LEU A 76 1.91 24.12 -52.15
C LEU A 76 2.06 24.67 -50.74
N ALA A 77 2.11 26.00 -50.65
CA ALA A 77 2.23 26.69 -49.36
C ALA A 77 1.01 26.38 -48.49
N ARG A 78 -0.16 26.29 -49.12
CA ARG A 78 -1.41 26.01 -48.43
C ARG A 78 -1.50 24.58 -47.93
N GLN A 79 -0.92 23.65 -48.68
CA GLN A 79 -0.95 22.23 -48.36
C GLN A 79 0.01 21.93 -47.22
N MET A 80 1.04 22.76 -47.13
CA MET A 80 2.04 22.62 -46.10
C MET A 80 1.50 23.10 -44.75
N ILE A 81 0.80 24.23 -44.81
CA ILE A 81 0.20 24.84 -43.62
C ILE A 81 -0.87 23.95 -42.97
N MET A 82 -1.71 23.34 -43.80
CA MET A 82 -2.72 22.40 -43.30
C MET A 82 -2.04 21.25 -42.58
N LYS A 83 -1.03 20.71 -43.23
CA LYS A 83 -0.25 19.58 -42.76
C LYS A 83 0.49 19.82 -41.42
N ASP A 84 1.09 21.00 -41.27
CA ASP A 84 2.02 21.27 -40.15
C ASP A 84 1.42 22.18 -39.08
N LYS A 85 0.94 21.58 -37.98
CA LYS A 85 0.29 22.32 -36.91
C LYS A 85 1.12 23.51 -36.42
N ASN A 86 2.44 23.43 -36.61
CA ASN A 86 3.32 24.53 -36.26
C ASN A 86 2.98 25.83 -36.98
N TRP A 87 2.29 25.72 -38.11
CA TRP A 87 1.90 26.90 -38.89
C TRP A 87 0.42 27.29 -38.67
N HIS A 88 -0.31 26.53 -37.85
CA HIS A 88 -1.68 26.89 -37.45
C HIS A 88 -1.64 28.06 -36.47
N ASP A 89 -2.81 28.60 -36.12
CA ASP A 89 -2.91 29.70 -35.15
C ASP A 89 -2.06 29.45 -33.90
N LYS A 90 -2.24 28.28 -33.30
CA LYS A 90 -1.55 27.97 -32.04
C LYS A 90 -0.08 27.61 -32.28
N GLY A 91 0.26 27.41 -33.55
CA GLY A 91 1.59 26.97 -33.93
C GLY A 91 2.63 28.07 -33.78
N GLN A 92 3.82 27.68 -33.33
CA GLN A 92 4.86 28.64 -33.02
C GLN A 92 5.45 29.33 -34.25
N GLN A 93 5.56 28.61 -35.38
CA GLN A 93 6.10 29.21 -36.60
C GLN A 93 5.21 30.33 -37.06
N TYR A 94 3.91 30.18 -36.79
CA TYR A 94 2.92 31.20 -37.13
C TYR A 94 3.10 32.41 -36.22
N ARG A 95 3.28 32.16 -34.94
CA ARG A 95 3.41 33.25 -33.98
C ARG A 95 4.75 33.96 -34.13
N ASN A 96 5.72 33.28 -34.72
CA ASN A 96 7.02 33.87 -35.00
C ASN A 96 6.91 34.74 -36.21
N TRP A 97 6.16 34.24 -37.18
CA TRP A 97 5.87 34.99 -38.40
C TRP A 97 5.08 36.22 -37.99
N PHE A 98 4.11 36.01 -37.10
CA PHE A 98 3.27 37.09 -36.59
C PHE A 98 4.04 38.10 -35.75
N LEU A 99 5.13 37.64 -35.14
CA LEU A 99 5.95 38.50 -34.30
C LEU A 99 6.84 39.37 -35.18
N LYS A 100 7.28 38.82 -36.30
CA LYS A 100 8.23 39.55 -37.15
C LYS A 100 7.49 40.53 -38.04
N GLU A 101 6.19 40.29 -38.22
CA GLU A 101 5.34 41.15 -39.04
C GLU A 101 4.70 42.27 -38.21
N PHE A 102 4.67 42.11 -36.89
CA PHE A 102 3.97 43.04 -35.99
C PHE A 102 4.43 44.50 -36.12
N PRO A 103 5.75 44.76 -36.20
CA PRO A 103 6.19 46.15 -36.28
C PRO A 103 5.65 46.89 -37.50
N ARG A 104 5.37 46.16 -38.57
CA ARG A 104 4.86 46.76 -39.80
C ARG A 104 3.38 47.10 -39.64
N LEU A 105 2.61 46.14 -39.13
CA LEU A 105 1.16 46.31 -38.98
C LEU A 105 0.88 47.47 -38.03
N LYS A 106 1.68 47.58 -36.97
CA LYS A 106 1.48 48.62 -35.96
C LYS A 106 1.62 49.99 -36.64
N SER A 107 2.72 50.20 -37.36
CA SER A 107 2.99 51.51 -37.95
C SER A 107 1.97 51.86 -39.03
N GLU A 108 1.52 50.86 -39.79
CA GLU A 108 0.54 51.08 -40.84
C GLU A 108 -0.83 51.45 -40.26
N LEU A 109 -1.19 50.84 -39.13
CA LEU A 109 -2.45 51.18 -38.47
C LEU A 109 -2.34 52.55 -37.80
N GLU A 110 -1.16 52.87 -37.28
CA GLU A 110 -0.92 54.17 -36.66
C GLU A 110 -1.04 55.31 -37.67
N ASP A 111 -0.56 55.10 -38.89
CA ASP A 111 -0.61 56.12 -39.92
C ASP A 111 -2.04 56.33 -40.39
N ASN A 112 -2.76 55.22 -40.54
CA ASN A 112 -4.16 55.24 -40.93
C ASN A 112 -5.01 56.10 -40.01
N ILE A 113 -4.79 55.96 -38.70
CA ILE A 113 -5.57 56.69 -37.71
C ILE A 113 -5.29 58.20 -37.71
N ARG A 114 -4.03 58.57 -37.87
CA ARG A 114 -3.66 59.98 -37.89
C ARG A 114 -4.47 60.73 -38.92
N ARG A 115 -4.63 60.11 -40.08
CA ARG A 115 -5.37 60.72 -41.17
C ARG A 115 -6.82 60.97 -40.74
N LEU A 116 -7.54 59.87 -40.48
CA LEU A 116 -8.94 59.93 -40.08
C LEU A 116 -9.15 60.86 -38.89
N ARG A 117 -8.37 60.65 -37.82
CA ARG A 117 -8.38 61.54 -36.67
C ARG A 117 -7.68 62.86 -37.01
N GLN B 1 -18.32 5.36 -39.49
CA GLN B 1 -17.54 5.37 -38.25
C GLN B 1 -16.06 5.12 -38.50
N VAL B 2 -15.21 6.01 -38.00
CA VAL B 2 -13.75 5.80 -38.03
C VAL B 2 -13.36 4.55 -37.21
N GLN B 3 -12.57 3.67 -37.83
CA GLN B 3 -12.03 2.52 -37.12
C GLN B 3 -10.54 2.28 -37.42
N LEU B 4 -9.82 1.88 -36.37
CA LEU B 4 -8.40 1.56 -36.46
C LEU B 4 -8.22 0.10 -36.09
N GLN B 5 -7.82 -0.72 -37.05
CA GLN B 5 -7.67 -2.15 -36.80
C GLN B 5 -6.24 -2.59 -36.89
N GLN B 6 -5.71 -3.05 -35.77
CA GLN B 6 -4.30 -3.43 -35.69
C GLN B 6 -4.06 -4.92 -35.84
N SER B 7 -2.84 -5.25 -36.25
CA SER B 7 -2.43 -6.62 -36.47
C SER B 7 -0.91 -6.68 -36.50
N GLY B 8 -0.37 -7.84 -36.18
CA GLY B 8 1.07 -7.99 -36.09
C GLY B 8 1.46 -9.20 -35.28
N ALA B 9 2.68 -9.67 -35.49
CA ALA B 9 3.25 -10.77 -34.72
C ALA B 9 3.33 -10.41 -33.25
N GLU B 10 2.96 -11.35 -32.39
CA GLU B 10 2.93 -11.08 -30.97
C GLU B 10 4.15 -11.65 -30.23
N LEU B 11 5.03 -12.32 -30.97
CA LEU B 11 6.27 -12.82 -30.38
C LEU B 11 7.41 -12.68 -31.34
N ALA B 12 8.54 -12.21 -30.82
CA ALA B 12 9.76 -12.02 -31.60
C ALA B 12 10.99 -12.38 -30.80
N ARG B 13 12.07 -12.72 -31.50
CA ARG B 13 13.33 -13.04 -30.88
C ARG B 13 14.20 -11.82 -30.66
N PRO B 14 15.09 -11.85 -29.67
CA PRO B 14 15.97 -10.68 -29.53
C PRO B 14 16.87 -10.47 -30.75
N GLY B 15 17.14 -9.21 -31.08
CA GLY B 15 17.98 -8.92 -32.23
C GLY B 15 17.21 -9.03 -33.53
N ALA B 16 15.99 -9.56 -33.47
CA ALA B 16 15.19 -9.74 -34.68
C ALA B 16 14.41 -8.47 -35.02
N SER B 17 13.58 -8.56 -36.05
CA SER B 17 12.74 -7.45 -36.47
C SER B 17 11.27 -7.90 -36.54
N VAL B 18 10.35 -6.93 -36.49
CA VAL B 18 8.92 -7.25 -36.68
C VAL B 18 8.21 -6.04 -37.24
N LYS B 19 7.20 -6.30 -38.08
CA LYS B 19 6.40 -5.24 -38.66
C LYS B 19 4.95 -5.35 -38.20
N LEU B 20 4.48 -4.27 -37.55
CA LEU B 20 3.09 -4.16 -37.11
C LEU B 20 2.30 -3.31 -38.09
N SER B 21 0.98 -3.49 -38.11
CA SER B 21 0.15 -2.80 -39.10
C SER B 21 -1.09 -2.19 -38.47
N CYS B 22 -1.52 -1.07 -39.03
CA CYS B 22 -2.73 -0.38 -38.58
C CYS B 22 -3.61 -0.02 -39.75
N LYS B 23 -4.74 -0.71 -39.91
CA LYS B 23 -5.65 -0.43 -41.01
C LYS B 23 -6.67 0.63 -40.64
N ALA B 24 -6.65 1.73 -41.39
CA ALA B 24 -7.56 2.85 -41.15
C ALA B 24 -8.78 2.79 -42.09
N SER B 25 -9.95 3.14 -41.56
CA SER B 25 -11.17 3.23 -42.35
C SER B 25 -12.10 4.28 -41.74
N GLY B 26 -12.96 4.87 -42.59
CA GLY B 26 -13.95 5.82 -42.14
C GLY B 26 -13.57 7.29 -42.25
N TYR B 27 -12.42 7.58 -42.84
CA TYR B 27 -12.01 8.97 -43.07
C TYR B 27 -10.94 9.11 -44.14
N THR B 28 -10.49 10.34 -44.39
CA THR B 28 -9.51 10.57 -45.44
C THR B 28 -8.13 10.33 -44.86
N PHE B 29 -7.63 9.13 -45.15
CA PHE B 29 -6.39 8.59 -44.58
C PHE B 29 -5.19 9.51 -44.73
N THR B 30 -5.15 10.23 -45.85
CA THR B 30 -4.02 11.07 -46.20
C THR B 30 -4.00 12.38 -45.45
N SER B 31 -5.09 12.68 -44.76
CA SER B 31 -5.28 14.00 -44.18
C SER B 31 -4.81 14.15 -42.73
N HIS B 32 -4.60 13.02 -42.04
CA HIS B 32 -4.25 13.07 -40.62
C HIS B 32 -2.95 12.34 -40.29
N TRP B 33 -2.19 12.89 -39.37
CA TRP B 33 -0.99 12.22 -38.90
C TRP B 33 -1.35 10.96 -38.13
N MET B 34 -0.76 9.83 -38.53
CA MET B 34 -0.98 8.58 -37.82
C MET B 34 0.07 8.43 -36.76
N GLN B 35 -0.37 8.42 -35.51
CA GLN B 35 0.54 8.27 -34.37
C GLN B 35 0.83 6.80 -34.11
N TRP B 36 2.01 6.54 -33.55
CA TRP B 36 2.35 5.23 -32.98
C TRP B 36 2.85 5.43 -31.57
N LEU B 37 2.31 4.65 -30.63
CA LEU B 37 2.69 4.71 -29.20
C LEU B 37 2.93 3.35 -28.61
N LYS B 38 3.59 3.29 -27.46
CA LYS B 38 3.70 2.03 -26.74
C LYS B 38 3.43 2.19 -25.26
N GLN B 39 2.97 1.10 -24.65
CA GLN B 39 2.80 1.04 -23.20
C GLN B 39 3.43 -0.23 -22.67
N ARG B 40 4.56 -0.11 -22.02
CA ARG B 40 5.16 -1.29 -21.40
C ARG B 40 4.37 -1.71 -20.19
N PRO B 41 4.46 -2.99 -19.80
CA PRO B 41 3.66 -3.43 -18.66
C PRO B 41 3.95 -2.62 -17.39
N GLY B 42 2.92 -2.04 -16.77
CA GLY B 42 3.11 -1.30 -15.55
C GLY B 42 3.61 0.11 -15.73
N GLN B 43 3.52 0.64 -16.95
CA GLN B 43 3.98 2.00 -17.21
C GLN B 43 2.98 2.75 -18.04
N GLY B 44 3.31 3.99 -18.35
CA GLY B 44 2.41 4.88 -19.06
C GLY B 44 2.67 4.84 -20.54
N LEU B 45 1.95 5.67 -21.26
CA LEU B 45 2.15 5.81 -22.70
C LEU B 45 3.49 6.43 -23.06
N GLU B 46 4.15 5.87 -24.07
CA GLU B 46 5.32 6.49 -24.67
C GLU B 46 5.10 6.69 -26.16
N TRP B 47 5.37 7.89 -26.65
CA TRP B 47 5.13 8.22 -28.06
C TRP B 47 6.34 7.80 -28.87
N ILE B 48 6.13 7.13 -30.01
CA ILE B 48 7.24 6.64 -30.83
C ILE B 48 7.44 7.55 -32.03
N GLY B 49 6.36 7.78 -32.80
CA GLY B 49 6.48 8.54 -34.01
C GLY B 49 5.16 8.71 -34.71
N ALA B 50 5.19 9.37 -35.86
CA ALA B 50 3.98 9.64 -36.63
C ALA B 50 4.33 9.64 -38.07
N ILE B 51 3.32 9.47 -38.91
CA ILE B 51 3.49 9.50 -40.36
C ILE B 51 2.29 10.22 -40.98
N TYR B 52 2.56 10.95 -42.06
CA TYR B 52 1.53 11.66 -42.82
C TYR B 52 1.30 10.96 -44.16
N PRO B 53 0.29 10.08 -44.24
CA PRO B 53 0.11 9.24 -45.43
C PRO B 53 -0.06 10.00 -46.74
N GLY B 54 -0.22 11.32 -46.66
CA GLY B 54 -0.27 12.16 -47.85
C GLY B 54 1.01 12.12 -48.66
N ASP B 55 2.15 12.28 -47.99
CA ASP B 55 3.46 12.32 -48.66
C ASP B 55 4.52 11.41 -48.02
N GLY B 56 4.16 10.70 -46.96
CA GLY B 56 5.04 9.72 -46.37
C GLY B 56 6.02 10.32 -45.39
N ASP B 57 5.82 11.60 -45.08
CA ASP B 57 6.64 12.31 -44.11
C ASP B 57 6.48 11.66 -42.73
N THR B 58 7.52 11.71 -41.91
CA THR B 58 7.50 11.08 -40.57
C THR B 58 8.06 12.01 -39.49
N LYS B 59 7.76 11.68 -38.24
CA LYS B 59 8.29 12.36 -37.06
C LYS B 59 8.67 11.29 -36.06
N PHE B 60 9.72 11.54 -35.28
CA PHE B 60 10.22 10.57 -34.31
C PHE B 60 10.72 11.26 -33.06
N THR B 61 10.71 10.57 -31.94
CA THR B 61 11.58 10.99 -30.84
C THR B 61 12.94 10.38 -31.14
N GLN B 62 14.00 11.14 -30.89
CA GLN B 62 15.35 10.71 -31.23
C GLN B 62 15.60 9.24 -30.88
N LYS B 63 15.16 8.85 -29.69
CA LYS B 63 15.33 7.50 -29.18
C LYS B 63 14.97 6.40 -30.18
N PHE B 64 13.92 6.62 -31.00
CA PHE B 64 13.41 5.60 -31.92
C PHE B 64 13.78 5.78 -33.38
N LYS B 65 14.75 6.64 -33.69
CA LYS B 65 14.97 6.96 -35.09
C LYS B 65 15.55 5.76 -35.84
N ASP B 66 16.53 5.12 -35.24
CA ASP B 66 17.22 4.02 -35.91
C ASP B 66 16.68 2.68 -35.41
N LYS B 67 15.40 2.67 -35.04
CA LYS B 67 14.78 1.48 -34.50
C LYS B 67 13.42 1.22 -35.12
N ALA B 68 12.61 2.26 -35.14
CA ALA B 68 11.27 2.19 -35.67
C ALA B 68 11.27 2.80 -37.07
N THR B 69 10.67 2.08 -38.02
CA THR B 69 10.53 2.58 -39.38
C THR B 69 9.05 2.69 -39.77
N LEU B 70 8.59 3.90 -40.08
CA LEU B 70 7.18 4.16 -40.37
C LEU B 70 6.92 4.26 -41.86
N THR B 71 5.93 3.51 -42.34
CA THR B 71 5.52 3.58 -43.74
C THR B 71 4.00 3.55 -43.83
N ALA B 72 3.45 3.91 -45.00
CA ALA B 72 2.00 3.92 -45.18
C ALA B 72 1.59 3.58 -46.61
N ASP B 73 0.51 2.80 -46.75
CA ASP B 73 -0.01 2.38 -48.05
C ASP B 73 -1.28 3.17 -48.40
N LYS B 74 -1.16 4.12 -49.33
CA LYS B 74 -2.27 5.01 -49.64
C LYS B 74 -3.51 4.28 -50.13
N SER B 75 -3.32 3.21 -50.91
CA SER B 75 -4.44 2.49 -51.51
C SER B 75 -5.16 1.55 -50.52
N SER B 76 -4.42 0.86 -49.66
CA SER B 76 -5.06 -0.02 -48.68
C SER B 76 -5.29 0.76 -47.39
N THR B 77 -4.86 2.02 -47.39
CA THR B 77 -4.98 2.90 -46.23
C THR B 77 -4.54 2.20 -44.93
N THR B 78 -3.36 1.58 -44.97
CA THR B 78 -2.80 0.96 -43.77
C THR B 78 -1.43 1.57 -43.46
N ALA B 79 -1.25 1.96 -42.21
CA ALA B 79 0.04 2.42 -41.75
C ALA B 79 0.81 1.23 -41.19
N TYR B 80 2.12 1.26 -41.36
CA TYR B 80 2.97 0.19 -40.84
C TYR B 80 4.07 0.77 -39.98
N MET B 81 4.43 0.01 -38.94
CA MET B 81 5.64 0.30 -38.16
C MET B 81 6.50 -0.93 -38.03
N GLN B 82 7.68 -0.83 -38.60
CA GLN B 82 8.66 -1.88 -38.43
C GLN B 82 9.60 -1.55 -37.28
N LEU B 83 9.78 -2.50 -36.36
CA LEU B 83 10.73 -2.35 -35.26
C LEU B 83 11.91 -3.27 -35.46
N SER B 84 13.11 -2.75 -35.25
CA SER B 84 14.35 -3.46 -35.54
C SER B 84 15.11 -3.74 -34.26
N SER B 85 16.09 -4.62 -34.34
CA SER B 85 17.02 -4.85 -33.23
C SER B 85 16.31 -5.10 -31.92
N LEU B 86 15.27 -5.90 -31.95
CA LEU B 86 14.38 -6.02 -30.78
C LEU B 86 15.11 -6.42 -29.50
N ALA B 87 14.65 -5.86 -28.39
CA ALA B 87 15.20 -6.14 -27.08
C ALA B 87 14.08 -6.28 -26.07
N SER B 88 14.43 -6.64 -24.85
CA SER B 88 13.46 -6.78 -23.76
C SER B 88 12.59 -5.54 -23.56
N GLU B 89 13.21 -4.37 -23.58
CA GLU B 89 12.52 -3.11 -23.36
C GLU B 89 11.47 -2.84 -24.44
N ASP B 90 11.53 -3.64 -25.51
CA ASP B 90 10.56 -3.52 -26.58
C ASP B 90 9.30 -4.37 -26.36
N SER B 91 9.29 -5.24 -25.34
CA SER B 91 8.05 -5.94 -24.99
C SER B 91 7.05 -4.95 -24.41
N ALA B 92 5.89 -4.87 -25.02
CA ALA B 92 4.93 -3.84 -24.68
C ALA B 92 3.69 -4.03 -25.55
N VAL B 93 2.66 -3.25 -25.32
CA VAL B 93 1.50 -3.20 -26.21
C VAL B 93 1.66 -1.97 -27.10
N TYR B 94 1.57 -2.15 -28.40
CA TYR B 94 1.79 -1.04 -29.34
C TYR B 94 0.44 -0.53 -29.87
N TYR B 95 0.21 0.79 -29.77
CA TYR B 95 -1.04 1.42 -30.22
C TYR B 95 -0.81 2.34 -31.41
N CYS B 96 -1.76 2.37 -32.31
CA CYS B 96 -1.77 3.40 -33.33
C CYS B 96 -2.97 4.26 -33.03
N ALA B 97 -2.85 5.58 -33.17
CA ALA B 97 -3.96 6.49 -32.90
C ALA B 97 -3.93 7.65 -33.88
N ARG B 98 -5.10 8.19 -34.21
CA ARG B 98 -5.17 9.32 -35.10
C ARG B 98 -5.02 10.63 -34.35
N GLU B 99 -4.15 11.51 -34.83
CA GLU B 99 -4.11 12.87 -34.32
C GLU B 99 -5.04 13.68 -35.20
N ASN B 100 -6.15 14.13 -34.63
CA ASN B 100 -7.09 14.95 -35.36
C ASN B 100 -6.37 16.20 -35.89
N LEU B 101 -6.41 16.41 -37.20
CA LEU B 101 -5.53 17.39 -37.82
C LEU B 101 -5.66 18.78 -37.23
N TYR B 102 -6.89 19.20 -36.93
CA TYR B 102 -7.12 20.56 -36.44
C TYR B 102 -7.61 20.55 -35.00
N GLY B 103 -7.99 19.38 -34.50
CA GLY B 103 -8.35 19.23 -33.10
C GLY B 103 -7.09 19.10 -32.26
N TYR B 104 -6.14 18.31 -32.78
CA TYR B 104 -4.86 18.03 -32.16
C TYR B 104 -4.97 16.94 -31.07
N TYR B 105 -6.19 16.60 -30.64
CA TYR B 105 -6.41 15.47 -29.72
C TYR B 105 -6.26 14.12 -30.43
N PHE B 106 -6.04 13.06 -29.67
CA PHE B 106 -5.95 11.72 -30.25
C PHE B 106 -7.31 11.04 -30.14
N ASP B 107 -8.15 11.16 -31.18
CA ASP B 107 -9.54 10.74 -31.04
C ASP B 107 -9.77 9.26 -31.20
N TYR B 108 -9.22 8.63 -32.24
CA TYR B 108 -9.50 7.21 -32.50
C TYR B 108 -8.26 6.36 -32.32
N TRP B 109 -8.43 5.20 -31.69
CA TRP B 109 -7.33 4.34 -31.31
C TRP B 109 -7.46 2.92 -31.85
N GLY B 110 -6.32 2.27 -32.10
CA GLY B 110 -6.33 0.86 -32.44
C GLY B 110 -6.49 0.07 -31.16
N GLN B 111 -6.80 -1.22 -31.24
CA GLN B 111 -7.03 -2.03 -30.04
C GLN B 111 -5.69 -2.51 -29.44
N GLY B 112 -4.58 -2.15 -30.08
CA GLY B 112 -3.27 -2.44 -29.55
C GLY B 112 -2.79 -3.81 -29.99
N THR B 113 -1.49 -3.95 -30.26
CA THR B 113 -0.86 -5.25 -30.50
C THR B 113 0.05 -5.58 -29.34
N THR B 114 -0.11 -6.77 -28.75
CA THR B 114 0.79 -7.19 -27.68
C THR B 114 2.01 -7.90 -28.24
N LEU B 115 3.19 -7.38 -27.91
CA LEU B 115 4.44 -7.91 -28.43
C LEU B 115 5.34 -8.34 -27.30
N THR B 116 5.80 -9.59 -27.34
CA THR B 116 6.80 -10.06 -26.40
C THR B 116 8.06 -10.35 -27.16
N VAL B 117 9.19 -9.85 -26.67
CA VAL B 117 10.51 -10.16 -27.23
C VAL B 117 11.20 -11.15 -26.29
N SER B 118 11.35 -12.40 -26.71
CA SER B 118 11.87 -13.45 -25.85
C SER B 118 12.54 -14.54 -26.67
N SER B 119 13.48 -15.27 -26.05
CA SER B 119 14.11 -16.41 -26.71
C SER B 119 13.48 -17.72 -26.30
N ALA B 120 12.42 -17.66 -25.52
CA ALA B 120 11.74 -18.86 -25.01
C ALA B 120 10.81 -19.40 -26.05
N SER B 121 10.56 -20.69 -25.96
CA SER B 121 9.65 -21.35 -26.87
C SER B 121 8.21 -20.91 -26.63
N THR B 122 7.45 -20.73 -27.72
CA THR B 122 6.00 -20.61 -27.57
C THR B 122 5.44 -21.92 -27.06
N LYS B 123 4.44 -21.84 -26.21
CA LYS B 123 3.66 -23.01 -25.88
C LYS B 123 2.17 -22.70 -26.01
N GLY B 124 1.46 -23.59 -26.69
CA GLY B 124 0.04 -23.44 -26.85
C GLY B 124 -0.69 -23.98 -25.65
N PRO B 125 -1.86 -23.40 -25.37
CA PRO B 125 -2.63 -23.85 -24.23
C PRO B 125 -3.44 -25.09 -24.47
N SER B 126 -3.60 -25.87 -23.41
CA SER B 126 -4.68 -26.81 -23.30
C SER B 126 -5.93 -26.00 -22.94
N VAL B 127 -7.08 -26.42 -23.43
CA VAL B 127 -8.32 -25.77 -23.12
C VAL B 127 -9.23 -26.79 -22.45
N PHE B 128 -9.68 -26.48 -21.24
CA PHE B 128 -10.55 -27.37 -20.52
C PHE B 128 -11.92 -26.73 -20.26
N PRO B 129 -13.00 -27.55 -20.31
CA PRO B 129 -14.33 -26.99 -20.01
C PRO B 129 -14.43 -26.82 -18.51
N LEU B 130 -15.02 -25.72 -18.07
CA LEU B 130 -15.30 -25.47 -16.68
C LEU B 130 -16.79 -25.63 -16.51
N ALA B 131 -17.21 -26.82 -16.13
CA ALA B 131 -18.62 -27.12 -16.05
C ALA B 131 -19.06 -27.03 -14.60
N PRO B 132 -20.19 -26.37 -14.35
CA PRO B 132 -20.68 -26.28 -12.98
C PRO B 132 -21.19 -27.62 -12.45
N SER B 133 -20.83 -27.95 -11.21
CA SER B 133 -21.30 -29.18 -10.58
C SER B 133 -22.71 -28.98 -10.03
N SER B 134 -23.40 -30.09 -9.75
CA SER B 134 -24.79 -30.09 -9.31
C SER B 134 -25.15 -29.06 -8.21
N LYS B 135 -24.34 -28.98 -7.15
CA LYS B 135 -24.59 -28.05 -6.05
C LYS B 135 -24.51 -26.61 -6.53
N SER B 136 -23.79 -26.39 -7.62
CA SER B 136 -23.60 -25.05 -8.20
C SER B 136 -24.60 -24.77 -9.32
N THR B 137 -25.42 -25.77 -9.69
CA THR B 137 -26.41 -25.60 -10.76
C THR B 137 -27.87 -25.59 -10.28
N SER B 138 -28.11 -25.65 -8.97
CA SER B 138 -29.48 -25.66 -8.46
C SER B 138 -30.13 -24.28 -8.44
N GLY B 139 -29.37 -23.22 -8.72
CA GLY B 139 -29.89 -21.87 -8.69
C GLY B 139 -30.50 -21.43 -10.01
N GLY B 140 -31.03 -20.22 -10.07
CA GLY B 140 -31.61 -19.75 -11.31
C GLY B 140 -30.58 -19.63 -12.41
N THR B 141 -29.37 -19.22 -12.04
CA THR B 141 -28.29 -19.11 -13.01
C THR B 141 -27.06 -19.85 -12.53
N ALA B 142 -26.13 -20.07 -13.46
CA ALA B 142 -24.92 -20.80 -13.16
C ALA B 142 -23.84 -20.31 -14.09
N ALA B 143 -22.59 -20.49 -13.67
CA ALA B 143 -21.43 -20.04 -14.39
C ALA B 143 -20.77 -21.25 -14.97
N LEU B 144 -20.46 -21.17 -16.26
CA LEU B 144 -19.73 -22.20 -16.98
C LEU B 144 -18.59 -21.45 -17.64
N GLY B 145 -17.52 -22.13 -18.01
CA GLY B 145 -16.38 -21.43 -18.54
C GLY B 145 -15.38 -22.32 -19.23
N CYS B 146 -14.25 -21.70 -19.58
CA CYS B 146 -13.10 -22.37 -20.19
C CYS B 146 -11.81 -22.02 -19.44
N LEU B 147 -11.03 -23.05 -19.14
CA LEU B 147 -9.71 -22.90 -18.56
C LEU B 147 -8.70 -22.98 -19.64
N VAL B 148 -7.91 -21.91 -19.76
CA VAL B 148 -6.92 -21.81 -20.81
C VAL B 148 -5.57 -21.99 -20.14
N LYS B 149 -5.03 -23.21 -20.19
CA LYS B 149 -3.95 -23.67 -19.31
C LYS B 149 -2.56 -23.67 -19.92
N ASP B 150 -1.59 -23.05 -19.25
CA ASP B 150 -0.17 -23.21 -19.56
C ASP B 150 0.22 -22.79 -20.96
N TYR B 151 0.17 -21.50 -21.25
CA TYR B 151 0.64 -21.01 -22.54
C TYR B 151 1.74 -19.97 -22.37
N PHE B 152 2.42 -19.67 -23.46
CA PHE B 152 3.45 -18.64 -23.54
C PHE B 152 3.65 -18.22 -24.98
N PRO B 153 3.72 -16.92 -25.25
CA PRO B 153 3.56 -15.79 -24.37
C PRO B 153 2.10 -15.30 -24.29
N GLU B 154 1.82 -14.21 -23.58
CA GLU B 154 0.54 -13.49 -23.75
C GLU B 154 0.47 -13.01 -25.20
N PRO B 155 -0.73 -12.70 -25.71
CA PRO B 155 -2.10 -12.76 -25.22
C PRO B 155 -2.90 -13.98 -25.67
N VAL B 156 -4.09 -14.16 -25.08
CA VAL B 156 -5.09 -15.08 -25.64
C VAL B 156 -6.37 -14.30 -25.66
N THR B 157 -7.19 -14.56 -26.65
CA THR B 157 -8.47 -13.89 -26.74
C THR B 157 -9.47 -14.99 -26.58
N VAL B 158 -10.53 -14.69 -25.85
CA VAL B 158 -11.60 -15.64 -25.69
C VAL B 158 -12.90 -14.95 -26.02
N SER B 159 -13.76 -15.61 -26.77
CA SER B 159 -15.09 -15.09 -26.94
C SER B 159 -15.99 -16.27 -26.75
N TRP B 160 -17.29 -16.02 -26.77
CA TRP B 160 -18.30 -17.09 -26.61
C TRP B 160 -19.31 -17.06 -27.78
N ASN B 161 -19.57 -18.24 -28.32
CA ASN B 161 -20.52 -18.46 -29.38
C ASN B 161 -20.26 -17.53 -30.55
N SER B 162 -19.00 -17.50 -30.94
CA SER B 162 -18.47 -16.64 -32.00
C SER B 162 -18.94 -15.21 -31.87
N GLY B 163 -19.03 -14.74 -30.64
CA GLY B 163 -19.35 -13.36 -30.35
C GLY B 163 -20.83 -13.07 -30.21
N ALA B 164 -21.70 -14.06 -30.41
CA ALA B 164 -23.15 -13.82 -30.30
C ALA B 164 -23.62 -13.86 -28.87
N LEU B 165 -22.72 -14.23 -27.97
CA LEU B 165 -23.04 -14.30 -26.54
C LEU B 165 -22.06 -13.38 -25.80
N THR B 166 -22.59 -12.35 -25.16
CA THR B 166 -21.75 -11.29 -24.63
C THR B 166 -22.17 -10.92 -23.24
N SER B 167 -23.47 -10.98 -22.97
CA SER B 167 -23.97 -10.75 -21.62
C SER B 167 -23.52 -11.85 -20.67
N GLY B 168 -22.96 -11.43 -19.55
CA GLY B 168 -22.60 -12.35 -18.50
C GLY B 168 -21.22 -12.90 -18.68
N VAL B 169 -20.49 -12.42 -19.70
CA VAL B 169 -19.14 -12.91 -19.98
C VAL B 169 -18.14 -12.17 -19.11
N HIS B 170 -17.27 -12.93 -18.44
CA HIS B 170 -16.16 -12.34 -17.69
C HIS B 170 -14.87 -13.18 -17.91
N THR B 171 -13.96 -12.59 -18.69
CA THR B 171 -12.65 -13.17 -18.91
C THR B 171 -11.64 -12.59 -17.94
N PHE B 172 -10.96 -13.43 -17.19
CA PHE B 172 -10.13 -12.97 -16.10
C PHE B 172 -8.68 -12.76 -16.53
N PRO B 173 -7.99 -11.73 -15.99
CA PRO B 173 -6.57 -11.62 -16.28
C PRO B 173 -5.78 -12.87 -15.95
N ALA B 174 -4.74 -13.16 -16.73
CA ALA B 174 -3.97 -14.37 -16.58
C ALA B 174 -3.16 -14.43 -15.32
N VAL B 175 -2.92 -15.62 -14.80
CA VAL B 175 -1.91 -15.82 -13.77
C VAL B 175 -0.59 -16.13 -14.47
N LEU B 176 0.51 -15.57 -14.01
CA LEU B 176 1.82 -15.99 -14.50
C LEU B 176 2.44 -16.91 -13.47
N GLN B 177 2.58 -18.15 -13.86
CA GLN B 177 3.00 -19.19 -12.94
C GLN B 177 4.49 -19.23 -12.81
N SER B 178 4.96 -19.94 -11.79
CA SER B 178 6.37 -20.04 -11.49
C SER B 178 7.10 -20.83 -12.56
N SER B 179 6.37 -21.63 -13.32
CA SER B 179 6.93 -22.31 -14.49
C SER B 179 7.25 -21.32 -15.60
N GLY B 180 6.76 -20.10 -15.48
CA GLY B 180 6.93 -19.13 -16.54
C GLY B 180 5.82 -19.22 -17.55
N LEU B 181 4.85 -20.10 -17.28
CA LEU B 181 3.71 -20.22 -18.18
C LEU B 181 2.45 -19.51 -17.64
N TYR B 182 1.66 -18.97 -18.55
CA TYR B 182 0.40 -18.33 -18.22
C TYR B 182 -0.81 -19.25 -18.26
N SER B 183 -1.83 -18.87 -17.48
CA SER B 183 -3.14 -19.49 -17.55
C SER B 183 -4.19 -18.42 -17.32
N LEU B 184 -5.34 -18.59 -17.91
CA LEU B 184 -6.44 -17.68 -17.63
C LEU B 184 -7.75 -18.43 -17.76
N SER B 185 -8.82 -17.91 -17.14
CA SER B 185 -10.15 -18.51 -17.23
C SER B 185 -11.17 -17.54 -17.78
N SER B 186 -12.09 -18.05 -18.59
CA SER B 186 -13.24 -17.25 -19.02
C SER B 186 -14.52 -17.93 -18.63
N VAL B 187 -15.45 -17.18 -18.03
CA VAL B 187 -16.74 -17.73 -17.63
C VAL B 187 -17.91 -16.93 -18.18
N VAL B 188 -19.04 -17.60 -18.25
CA VAL B 188 -20.26 -16.94 -18.61
C VAL B 188 -21.37 -17.48 -17.72
N THR B 189 -22.17 -16.54 -17.20
CA THR B 189 -23.33 -16.85 -16.37
C THR B 189 -24.58 -16.97 -17.24
N VAL B 190 -25.27 -18.09 -17.10
CA VAL B 190 -26.34 -18.47 -18.00
C VAL B 190 -27.46 -19.05 -17.14
N PRO B 191 -28.68 -19.11 -17.67
CA PRO B 191 -29.77 -19.76 -16.93
C PRO B 191 -29.49 -21.23 -16.64
N SER B 192 -29.72 -21.70 -15.42
CA SER B 192 -29.37 -23.09 -15.12
C SER B 192 -30.10 -24.10 -15.99
N SER B 193 -31.34 -23.79 -16.35
CA SER B 193 -32.15 -24.72 -17.10
C SER B 193 -31.54 -25.01 -18.48
N SER B 194 -30.66 -24.13 -18.95
CA SER B 194 -30.13 -24.25 -20.31
C SER B 194 -28.95 -25.17 -20.40
N LEU B 195 -28.32 -25.47 -19.25
CA LEU B 195 -27.15 -26.37 -19.27
C LEU B 195 -27.61 -27.72 -19.81
N GLY B 196 -26.84 -28.35 -20.68
CA GLY B 196 -27.28 -29.64 -21.21
C GLY B 196 -28.30 -29.64 -22.36
N THR B 197 -29.04 -28.56 -22.57
CA THR B 197 -29.81 -28.37 -23.82
C THR B 197 -29.13 -27.39 -24.81
N GLN B 198 -28.79 -26.21 -24.34
CA GLN B 198 -28.14 -25.16 -25.12
C GLN B 198 -26.63 -25.39 -25.31
N THR B 199 -26.12 -25.17 -26.53
CA THR B 199 -24.68 -25.35 -26.76
C THR B 199 -23.98 -24.04 -26.51
N TYR B 200 -22.93 -24.12 -25.70
CA TYR B 200 -22.07 -23.00 -25.38
C TYR B 200 -20.68 -23.40 -25.85
N ILE B 201 -20.04 -22.48 -26.54
CA ILE B 201 -18.75 -22.70 -27.21
C ILE B 201 -17.83 -21.55 -26.88
N CYS B 202 -16.64 -21.86 -26.39
CA CYS B 202 -15.67 -20.80 -26.15
C CYS B 202 -14.66 -20.81 -27.25
N ASN B 203 -14.42 -19.65 -27.79
CA ASN B 203 -13.50 -19.51 -28.90
C ASN B 203 -12.22 -18.98 -28.36
N VAL B 204 -11.18 -19.80 -28.36
CA VAL B 204 -9.89 -19.42 -27.81
C VAL B 204 -8.93 -19.23 -28.96
N ASN B 205 -8.12 -18.17 -28.91
CA ASN B 205 -7.07 -18.04 -29.90
C ASN B 205 -5.79 -17.64 -29.24
N HIS B 206 -4.72 -18.39 -29.52
CA HIS B 206 -3.38 -18.05 -29.08
C HIS B 206 -2.49 -17.98 -30.29
N LYS B 207 -2.36 -16.79 -30.87
CA LYS B 207 -1.70 -16.69 -32.16
C LYS B 207 -0.24 -17.16 -32.22
N PRO B 208 0.57 -16.87 -31.17
CA PRO B 208 1.99 -17.26 -31.30
C PRO B 208 2.20 -18.76 -31.53
N SER B 209 1.26 -19.61 -31.12
CA SER B 209 1.37 -21.05 -31.33
C SER B 209 0.40 -21.54 -32.39
N ASN B 210 -0.22 -20.60 -33.11
CA ASN B 210 -1.42 -20.87 -33.90
C ASN B 210 -2.29 -21.92 -33.25
N THR B 211 -2.77 -21.58 -32.06
CA THR B 211 -3.78 -22.39 -31.41
C THR B 211 -5.10 -21.66 -31.48
N LYS B 212 -6.04 -22.23 -32.21
CA LYS B 212 -7.36 -21.64 -32.36
C LYS B 212 -8.35 -22.78 -32.17
N VAL B 213 -9.13 -22.69 -31.13
CA VAL B 213 -9.91 -23.82 -30.69
C VAL B 213 -11.27 -23.30 -30.31
N ASP B 214 -12.31 -24.00 -30.73
CA ASP B 214 -13.68 -23.70 -30.29
C ASP B 214 -14.12 -24.92 -29.51
N LYS B 215 -14.14 -24.79 -28.19
CA LYS B 215 -14.44 -25.91 -27.29
C LYS B 215 -15.89 -25.90 -26.84
N LYS B 216 -16.61 -26.97 -27.11
CA LYS B 216 -17.96 -27.08 -26.65
C LYS B 216 -17.87 -27.41 -25.18
N VAL B 217 -18.61 -26.68 -24.35
CA VAL B 217 -18.69 -26.95 -22.92
C VAL B 217 -19.93 -27.79 -22.61
N GLU B 218 -19.75 -29.09 -22.36
CA GLU B 218 -20.89 -29.98 -22.11
C GLU B 218 -21.40 -29.85 -20.67
N PRO B 219 -22.66 -30.24 -20.41
CA PRO B 219 -23.06 -30.40 -18.99
C PRO B 219 -22.18 -31.43 -18.31
N LYS B 220 -21.83 -31.22 -17.04
CA LYS B 220 -21.04 -32.20 -16.31
C LYS B 220 -21.88 -33.45 -16.02
N GLU C 27 20.66 -40.58 17.09
CA GLU C 27 20.70 -39.23 16.54
C GLU C 27 19.61 -39.03 15.50
N ASP C 28 19.40 -40.06 14.68
CA ASP C 28 18.32 -40.04 13.69
C ASP C 28 16.99 -40.11 14.42
N ALA C 29 16.98 -40.85 15.52
CA ALA C 29 15.78 -41.06 16.30
C ALA C 29 15.25 -39.77 16.94
N ILE C 30 16.16 -38.93 17.42
CA ILE C 30 15.77 -37.69 18.09
C ILE C 30 14.98 -36.79 17.16
N LYS C 31 15.50 -36.59 15.95
CA LYS C 31 14.85 -35.76 14.95
C LYS C 31 13.53 -36.37 14.46
N TYR C 32 13.33 -37.65 14.76
CA TYR C 32 12.11 -38.36 14.34
C TYR C 32 11.00 -38.24 15.39
N PHE C 33 11.37 -38.33 16.67
CA PHE C 33 10.40 -38.21 17.76
C PHE C 33 9.79 -36.81 17.87
N LYS C 34 10.42 -35.82 17.24
CA LYS C 34 9.92 -34.45 17.22
C LYS C 34 8.99 -34.23 16.03
N GLU C 35 9.08 -35.13 15.04
CA GLU C 35 8.29 -35.03 13.81
C GLU C 35 6.99 -35.83 13.93
N LYS C 36 7.12 -37.12 14.22
CA LYS C 36 5.99 -38.03 14.26
C LYS C 36 5.35 -38.07 15.65
N VAL C 37 6.17 -38.21 16.69
CA VAL C 37 5.66 -38.40 18.03
C VAL C 37 5.32 -37.07 18.69
N SER C 38 4.10 -36.98 19.25
CA SER C 38 3.70 -35.80 20.01
C SER C 38 4.21 -35.92 21.44
N THR C 39 4.23 -34.80 22.16
CA THR C 39 4.73 -34.79 23.54
C THR C 39 3.94 -35.73 24.42
N GLN C 40 2.63 -35.75 24.20
CA GLN C 40 1.74 -36.64 24.93
C GLN C 40 2.17 -38.05 24.60
N ASN C 41 2.38 -38.29 23.30
CA ASN C 41 2.73 -39.62 22.79
C ASN C 41 4.08 -40.17 23.26
N LEU C 42 5.10 -39.32 23.37
CA LEU C 42 6.41 -39.75 23.82
C LEU C 42 6.34 -40.12 25.30
N LEU C 43 5.50 -39.40 26.03
CA LEU C 43 5.30 -39.63 27.46
C LEU C 43 4.66 -40.99 27.71
N LEU C 44 3.71 -41.36 26.85
CA LEU C 44 3.08 -42.68 26.91
C LEU C 44 4.15 -43.78 26.91
N LEU C 45 5.19 -43.55 26.12
CA LEU C 45 6.28 -44.51 25.92
C LEU C 45 7.29 -44.56 27.07
N LEU C 46 7.56 -43.42 27.69
CA LEU C 46 8.57 -43.32 28.74
C LEU C 46 8.00 -43.74 30.09
N THR C 47 6.72 -43.46 30.29
CA THR C 47 6.07 -43.71 31.58
C THR C 47 5.75 -45.19 31.77
N ASP C 48 5.17 -45.81 30.75
CA ASP C 48 4.80 -47.22 30.83
C ASP C 48 5.95 -48.07 30.31
N ASN C 49 6.45 -48.98 31.16
CA ASN C 49 7.59 -49.83 30.80
C ASN C 49 7.20 -50.95 29.84
N GLU C 50 5.91 -51.28 29.81
CA GLU C 50 5.41 -52.28 28.88
C GLU C 50 5.53 -51.74 27.46
N ALA C 51 5.21 -50.46 27.31
CA ALA C 51 5.35 -49.80 26.01
C ALA C 51 6.82 -49.69 25.67
N TRP C 52 7.65 -49.44 26.70
CA TRP C 52 9.08 -49.30 26.47
C TRP C 52 9.71 -50.65 26.16
N ASN C 53 9.37 -51.68 26.91
CA ASN C 53 9.90 -53.02 26.66
C ASN C 53 9.45 -53.50 25.29
N GLY C 54 8.17 -53.35 25.02
CA GLY C 54 7.59 -53.72 23.74
C GLY C 54 8.21 -52.94 22.59
N PHE C 55 8.61 -51.71 22.88
CA PHE C 55 9.23 -50.86 21.88
C PHE C 55 10.64 -51.35 21.58
N VAL C 56 11.46 -51.47 22.62
CA VAL C 56 12.86 -51.85 22.44
C VAL C 56 12.92 -53.27 21.90
N ALA C 57 11.97 -54.10 22.31
CA ALA C 57 11.88 -55.47 21.82
C ALA C 57 11.49 -55.47 20.35
N ALA C 58 10.58 -54.57 19.97
CA ALA C 58 10.16 -54.44 18.58
C ALA C 58 11.36 -54.13 17.70
N ALA C 59 12.29 -53.34 18.24
CA ALA C 59 13.56 -53.08 17.56
C ALA C 59 14.62 -54.13 17.91
N GLU C 60 14.36 -54.91 18.97
CA GLU C 60 15.31 -55.91 19.44
C GLU C 60 16.65 -55.23 19.77
N LEU C 61 16.58 -54.16 20.56
CA LEU C 61 17.75 -53.34 20.84
C LEU C 61 18.69 -53.93 21.90
N PRO C 62 20.00 -53.69 21.75
CA PRO C 62 20.96 -54.02 22.81
C PRO C 62 20.66 -53.27 24.10
N ARG C 63 21.02 -53.86 25.22
CA ARG C 63 20.75 -53.25 26.53
C ARG C 63 21.49 -51.92 26.66
N ASN C 64 22.73 -51.88 26.19
CA ASN C 64 23.57 -50.69 26.29
C ASN C 64 23.00 -49.50 25.52
N GLU C 65 22.60 -49.73 24.26
CA GLU C 65 21.97 -48.69 23.45
C GLU C 65 20.57 -48.32 23.96
N ALA C 66 19.85 -49.30 24.50
CA ALA C 66 18.48 -49.09 25.00
C ALA C 66 18.41 -48.06 26.12
N ASP C 67 19.30 -48.19 27.10
CA ASP C 67 19.34 -47.28 28.24
C ASP C 67 19.72 -45.87 27.83
N GLU C 68 20.69 -45.75 26.93
CA GLU C 68 21.14 -44.45 26.44
C GLU C 68 20.01 -43.67 25.76
N LEU C 69 19.17 -44.36 24.99
CA LEU C 69 18.07 -43.66 24.31
C LEU C 69 17.02 -43.24 25.33
N ARG C 70 16.64 -44.15 26.23
CA ARG C 70 15.65 -43.80 27.26
C ARG C 70 16.15 -42.61 28.08
N LYS C 71 17.46 -42.57 28.33
CA LYS C 71 18.06 -41.43 29.02
C LYS C 71 17.91 -40.18 28.15
N ALA C 72 18.07 -40.36 26.84
CA ALA C 72 17.94 -39.29 25.86
C ALA C 72 16.47 -38.88 25.62
N LEU C 73 15.58 -39.87 25.63
CA LEU C 73 14.15 -39.63 25.46
C LEU C 73 13.62 -38.88 26.67
N ASP C 74 14.04 -39.33 27.85
CA ASP C 74 13.77 -38.62 29.10
C ASP C 74 14.18 -37.16 28.97
N ASN C 75 15.36 -36.94 28.39
CA ASN C 75 15.88 -35.60 28.15
C ASN C 75 15.00 -34.79 27.20
N LEU C 76 14.56 -35.42 26.10
CA LEU C 76 13.73 -34.73 25.13
C LEU C 76 12.37 -34.38 25.75
N ALA C 77 11.82 -35.31 26.52
CA ALA C 77 10.54 -35.11 27.19
C ALA C 77 10.62 -33.96 28.19
N ARG C 78 11.73 -33.90 28.92
CA ARG C 78 11.91 -32.86 29.92
C ARG C 78 12.06 -31.50 29.24
N GLN C 79 12.72 -31.48 28.09
CA GLN C 79 12.93 -30.23 27.37
C GLN C 79 11.67 -29.77 26.66
N MET C 80 10.78 -30.71 26.35
CA MET C 80 9.50 -30.39 25.71
C MET C 80 8.52 -29.85 26.74
N ILE C 81 8.49 -30.47 27.91
CA ILE C 81 7.62 -30.04 29.00
C ILE C 81 7.99 -28.65 29.49
N MET C 82 9.29 -28.37 29.63
CA MET C 82 9.72 -27.03 30.00
C MET C 82 9.25 -26.04 28.97
N LYS C 83 9.46 -26.39 27.70
CA LYS C 83 9.11 -25.50 26.61
C LYS C 83 7.62 -25.17 26.59
N ASP C 84 6.76 -26.15 26.87
CA ASP C 84 5.31 -26.02 26.65
C ASP C 84 4.48 -25.90 27.93
N LYS C 85 4.10 -24.67 28.27
CA LYS C 85 3.36 -24.39 29.50
C LYS C 85 2.12 -25.29 29.64
N ASN C 86 1.55 -25.73 28.52
CA ASN C 86 0.42 -26.63 28.56
C ASN C 86 0.72 -27.90 29.32
N TRP C 87 2.00 -28.25 29.42
CA TRP C 87 2.39 -29.46 30.15
C TRP C 87 2.92 -29.13 31.53
N HIS C 88 2.99 -27.85 31.87
CA HIS C 88 3.33 -27.44 33.22
C HIS C 88 2.18 -27.77 34.15
N ASP C 89 2.43 -27.62 35.44
CA ASP C 89 1.45 -27.91 36.49
C ASP C 89 0.07 -27.38 36.18
N LYS C 90 0.03 -26.10 35.83
CA LYS C 90 -1.23 -25.42 35.62
C LYS C 90 -1.85 -25.72 34.26
N GLY C 91 -1.06 -26.34 33.38
CA GLY C 91 -1.48 -26.56 32.01
C GLY C 91 -2.57 -27.62 31.89
N GLN C 92 -3.49 -27.40 30.98
CA GLN C 92 -4.63 -28.28 30.83
C GLN C 92 -4.23 -29.63 30.29
N GLN C 93 -3.27 -29.64 29.37
CA GLN C 93 -2.80 -30.89 28.79
C GLN C 93 -2.15 -31.77 29.84
N TYR C 94 -1.48 -31.15 30.81
CA TYR C 94 -0.93 -31.90 31.93
C TYR C 94 -2.07 -32.36 32.84
N ARG C 95 -3.03 -31.48 33.10
CA ARG C 95 -4.14 -31.81 33.99
C ARG C 95 -5.13 -32.78 33.38
N ASN C 96 -5.13 -32.89 32.05
CA ASN C 96 -5.93 -33.89 31.37
C ASN C 96 -5.22 -35.23 31.44
N TRP C 97 -3.89 -35.19 31.30
CA TRP C 97 -3.06 -36.36 31.49
C TRP C 97 -3.12 -36.90 32.90
N PHE C 98 -2.94 -36.02 33.86
CA PHE C 98 -2.89 -36.42 35.26
C PHE C 98 -4.29 -36.83 35.71
N LEU C 99 -5.31 -36.38 34.99
CA LEU C 99 -6.68 -36.76 35.30
C LEU C 99 -7.04 -38.12 34.73
N LYS C 100 -6.70 -38.35 33.45
CA LYS C 100 -7.08 -39.61 32.79
C LYS C 100 -6.03 -40.73 32.80
N GLU C 101 -4.75 -40.36 32.79
CA GLU C 101 -3.68 -41.37 32.78
C GLU C 101 -3.11 -41.69 34.16
N PHE C 102 -3.17 -40.74 35.08
CA PHE C 102 -2.58 -40.94 36.40
C PHE C 102 -3.32 -42.00 37.21
N PRO C 103 -4.65 -41.84 37.38
CA PRO C 103 -5.37 -42.81 38.21
C PRO C 103 -5.46 -44.22 37.61
N ARG C 104 -5.55 -44.33 36.29
CA ARG C 104 -5.69 -45.66 35.68
C ARG C 104 -4.37 -46.40 35.49
N LEU C 105 -3.58 -45.97 34.51
CA LEU C 105 -2.33 -46.66 34.20
C LEU C 105 -1.23 -46.41 35.22
N LYS C 106 -1.03 -45.14 35.56
CA LYS C 106 0.07 -44.72 36.44
C LYS C 106 -0.04 -45.22 37.88
N SER C 107 -1.18 -44.96 38.52
CA SER C 107 -1.35 -45.26 39.94
C SER C 107 -1.40 -46.75 40.26
N GLU C 108 -2.02 -47.53 39.39
CA GLU C 108 -2.15 -48.97 39.62
C GLU C 108 -0.76 -49.60 39.58
N LEU C 109 0.07 -49.08 38.68
CA LEU C 109 1.46 -49.51 38.57
C LEU C 109 2.29 -49.02 39.75
N GLU C 110 1.91 -47.87 40.32
CA GLU C 110 2.62 -47.35 41.51
C GLU C 110 2.48 -48.32 42.68
N ASP C 111 1.27 -48.80 42.89
CA ASP C 111 1.00 -49.72 43.99
C ASP C 111 1.53 -51.13 43.66
N ASN C 112 1.36 -51.55 42.42
CA ASN C 112 1.90 -52.83 41.96
C ASN C 112 3.38 -52.92 42.25
N ILE C 113 4.11 -51.85 41.93
CA ILE C 113 5.54 -51.82 42.16
C ILE C 113 5.81 -51.80 43.66
N ARG C 114 5.02 -51.01 44.39
CA ARG C 114 5.13 -50.95 45.84
C ARG C 114 4.95 -52.33 46.46
N ARG C 115 4.19 -53.19 45.77
CA ARG C 115 3.95 -54.57 46.21
C ARG C 115 5.04 -55.52 45.70
N LEU C 116 5.40 -55.39 44.43
CA LEU C 116 6.46 -56.19 43.83
C LEU C 116 7.74 -56.04 44.65
N ARG C 117 7.98 -54.81 45.11
CA ARG C 117 9.17 -54.49 45.91
C ARG C 117 9.07 -55.07 47.32
N ALA C 118 7.85 -55.48 47.71
CA ALA C 118 7.64 -56.09 49.03
C ALA C 118 7.93 -57.59 49.00
N LEU C 119 7.81 -58.19 47.81
CA LEU C 119 8.21 -59.57 47.60
C LEU C 119 9.73 -59.64 47.62
N ALA C 120 10.36 -58.58 47.11
CA ALA C 120 11.81 -58.45 47.16
C ALA C 120 12.28 -58.18 48.60
N ASP C 121 11.34 -58.11 49.54
CA ASP C 121 11.65 -58.13 50.97
C ASP C 121 11.87 -59.58 51.42
N GLY C 122 11.19 -60.50 50.74
CA GLY C 122 11.45 -61.93 50.90
C GLY C 122 12.70 -62.35 50.14
N VAL C 123 13.48 -61.38 49.67
CA VAL C 123 14.78 -61.68 49.08
C VAL C 123 15.65 -62.27 50.16
N GLN C 124 15.64 -61.63 51.32
CA GLN C 124 16.36 -62.13 52.47
C GLN C 124 15.38 -62.83 53.43
N LYS C 125 14.42 -63.56 52.85
CA LYS C 125 13.68 -64.60 53.54
C LYS C 125 14.58 -65.83 53.73
N VAL C 126 15.64 -65.90 52.90
CA VAL C 126 16.65 -66.93 53.00
C VAL C 126 17.17 -67.10 54.44
N GLN D 1 14.41 13.64 -24.36
CA GLN D 1 15.23 14.38 -23.43
C GLN D 1 14.40 15.49 -22.73
N ALA D 2 13.46 16.14 -23.42
CA ALA D 2 12.47 17.01 -22.73
C ALA D 2 11.65 16.19 -21.72
N VAL D 3 11.37 16.75 -20.54
CA VAL D 3 10.64 16.02 -19.50
C VAL D 3 9.30 16.67 -19.19
N VAL D 4 8.24 15.86 -19.17
CA VAL D 4 6.91 16.36 -18.88
C VAL D 4 6.43 15.83 -17.53
N THR D 5 5.95 16.72 -16.65
CA THR D 5 5.64 16.39 -15.26
C THR D 5 4.18 16.61 -14.94
N GLN D 6 3.57 15.58 -14.35
CA GLN D 6 2.19 15.60 -13.87
C GLN D 6 2.16 15.15 -12.44
N GLU D 7 1.14 15.52 -11.67
CA GLU D 7 0.95 14.94 -10.33
C GLU D 7 0.83 13.43 -10.46
N SER D 8 1.37 12.70 -9.50
CA SER D 8 1.31 11.26 -9.58
C SER D 8 -0.09 10.81 -9.24
N ALA D 9 -0.75 11.53 -8.33
CA ALA D 9 -2.06 11.14 -7.84
C ALA D 9 -2.86 12.30 -7.24
N LEU D 10 -4.17 12.26 -7.45
CA LEU D 10 -5.09 13.21 -6.85
C LEU D 10 -6.35 12.48 -6.44
N THR D 11 -7.00 12.98 -5.38
CA THR D 11 -8.31 12.49 -4.94
C THR D 11 -9.38 13.57 -5.11
N THR D 12 -10.61 13.18 -5.39
CA THR D 12 -11.71 14.14 -5.40
C THR D 12 -12.96 13.41 -4.93
N SER D 13 -14.07 14.15 -4.80
CA SER D 13 -15.38 13.56 -4.44
C SER D 13 -16.41 13.94 -5.49
N PRO D 14 -17.50 13.16 -5.61
CA PRO D 14 -18.52 13.48 -6.61
C PRO D 14 -19.05 14.89 -6.46
N GLY D 15 -19.11 15.64 -7.55
CA GLY D 15 -19.62 17.00 -7.52
C GLY D 15 -18.53 18.06 -7.48
N GLU D 16 -17.40 17.73 -6.87
CA GLU D 16 -16.32 18.69 -6.66
C GLU D 16 -15.55 19.00 -7.95
N THR D 17 -14.82 20.10 -7.94
CA THR D 17 -13.94 20.42 -9.04
C THR D 17 -12.53 20.02 -8.68
N VAL D 18 -11.84 19.43 -9.64
CA VAL D 18 -10.47 19.01 -9.46
C VAL D 18 -9.65 19.47 -10.65
N THR D 19 -8.39 19.83 -10.39
CA THR D 19 -7.51 20.31 -11.44
C THR D 19 -6.23 19.49 -11.51
N LEU D 20 -5.97 18.96 -12.70
CA LEU D 20 -4.73 18.27 -13.03
C LEU D 20 -3.83 19.23 -13.80
N THR D 21 -2.52 19.13 -13.62
CA THR D 21 -1.62 20.05 -14.30
C THR D 21 -0.49 19.32 -15.02
N CYS D 22 0.06 20.03 -15.98
CA CYS D 22 1.12 19.53 -16.84
C CYS D 22 2.20 20.59 -16.91
N ARG D 23 3.43 20.16 -16.68
CA ARG D 23 4.58 21.06 -16.70
C ARG D 23 5.62 20.58 -17.70
N SER D 24 6.30 21.53 -18.32
CA SER D 24 7.37 21.27 -19.29
C SER D 24 8.71 21.62 -18.69
N SER D 25 9.71 20.77 -18.88
CA SER D 25 11.04 21.05 -18.34
C SER D 25 11.78 22.20 -19.04
N THR D 26 11.35 22.56 -20.23
CA THR D 26 12.11 23.53 -21.00
C THR D 26 11.71 24.94 -20.71
N GLY D 27 10.58 25.12 -20.04
CA GLY D 27 10.07 26.45 -19.78
C GLY D 27 8.57 26.41 -19.62
N ALA D 28 7.93 27.58 -19.69
CA ALA D 28 6.47 27.62 -19.61
C ALA D 28 5.82 26.82 -20.75
N VAL D 29 4.68 26.21 -20.47
CA VAL D 29 3.88 25.58 -21.52
C VAL D 29 3.15 26.66 -22.29
N THR D 30 3.34 26.67 -23.60
CA THR D 30 2.72 27.68 -24.46
C THR D 30 1.82 27.01 -25.47
N SER D 31 1.14 27.84 -26.27
CA SER D 31 0.13 27.34 -27.22
C SER D 31 0.81 26.46 -28.24
N GLY D 32 2.07 26.75 -28.49
CA GLY D 32 2.88 25.97 -29.41
C GLY D 32 3.18 24.54 -28.95
N ASN D 33 2.87 24.23 -27.70
CA ASN D 33 3.08 22.88 -27.18
C ASN D 33 1.85 22.00 -27.33
N PHE D 34 0.74 22.56 -27.79
CA PHE D 34 -0.49 21.83 -28.11
C PHE D 34 -0.92 20.84 -27.02
N ALA D 35 -0.93 21.29 -25.77
CA ALA D 35 -1.20 20.40 -24.63
C ALA D 35 -2.35 19.46 -24.90
N ASN D 36 -2.03 18.18 -24.82
CA ASN D 36 -2.88 17.08 -25.23
C ASN D 36 -3.19 16.18 -24.00
N TRP D 37 -4.46 15.93 -23.74
CA TRP D 37 -4.87 15.06 -22.65
C TRP D 37 -5.59 13.81 -23.13
N VAL D 38 -5.15 12.65 -22.64
CA VAL D 38 -5.90 11.43 -22.85
C VAL D 38 -6.16 10.70 -21.53
N GLN D 39 -7.33 10.09 -21.46
CA GLN D 39 -7.81 9.35 -20.30
C GLN D 39 -7.60 7.88 -20.54
N GLU D 40 -7.03 7.18 -19.56
CA GLU D 40 -6.95 5.74 -19.64
C GLU D 40 -7.85 5.10 -18.60
N LYS D 41 -8.77 4.28 -19.07
CA LYS D 41 -9.68 3.54 -18.20
C LYS D 41 -9.31 2.08 -18.30
N PRO D 42 -9.89 1.23 -17.42
CA PRO D 42 -9.61 -0.21 -17.36
C PRO D 42 -9.68 -0.95 -18.70
N ASP D 43 -8.92 -2.04 -18.80
CA ASP D 43 -8.76 -2.80 -20.04
C ASP D 43 -8.27 -1.88 -21.17
N HIS D 44 -7.37 -0.96 -20.82
CA HIS D 44 -6.67 -0.14 -21.81
C HIS D 44 -7.62 0.56 -22.77
N LEU D 45 -8.64 1.18 -22.18
CA LEU D 45 -9.55 2.06 -22.90
C LEU D 45 -9.02 3.49 -22.88
N PHE D 46 -8.39 3.89 -23.98
CA PHE D 46 -7.90 5.26 -24.13
C PHE D 46 -8.91 6.15 -24.79
N THR D 47 -9.05 7.38 -24.28
CA THR D 47 -9.99 8.33 -24.86
C THR D 47 -9.35 9.72 -24.93
N GLY D 48 -9.30 10.28 -26.14
CA GLY D 48 -8.79 11.63 -26.34
C GLY D 48 -9.77 12.65 -25.80
N LEU D 49 -9.33 13.48 -24.85
CA LEU D 49 -10.20 14.45 -24.18
C LEU D 49 -10.02 15.83 -24.76
N ILE D 50 -8.76 16.27 -24.80
CA ILE D 50 -8.43 17.65 -25.15
C ILE D 50 -7.24 17.70 -26.10
N GLY D 51 -7.31 18.62 -27.06
CA GLY D 51 -6.20 18.89 -27.97
C GLY D 51 -5.89 20.38 -27.94
N GLY D 52 -4.65 20.76 -28.19
CA GLY D 52 -4.29 22.16 -28.24
C GLY D 52 -4.72 22.95 -27.02
N ALA D 53 -4.48 22.37 -25.84
CA ALA D 53 -4.77 22.99 -24.53
C ALA D 53 -6.27 23.09 -24.19
N ASP D 54 -7.12 23.56 -25.11
CA ASP D 54 -8.54 23.75 -24.78
C ASP D 54 -9.57 23.20 -25.77
N ASN D 55 -9.14 22.60 -26.89
CA ASN D 55 -10.10 21.96 -27.81
C ASN D 55 -10.69 20.69 -27.22
N ARG D 56 -11.97 20.68 -26.88
CA ARG D 56 -12.56 19.45 -26.33
C ARG D 56 -13.07 18.55 -27.45
N ALA D 57 -12.66 17.29 -27.41
CA ALA D 57 -13.00 16.33 -28.44
C ALA D 57 -14.51 16.05 -28.43
N PRO D 58 -15.09 15.77 -29.61
CA PRO D 58 -16.50 15.37 -29.68
C PRO D 58 -16.79 14.15 -28.81
N GLY D 59 -17.95 14.16 -28.16
CA GLY D 59 -18.35 13.08 -27.29
C GLY D 59 -17.86 13.22 -25.86
N VAL D 60 -16.95 14.15 -25.63
CA VAL D 60 -16.44 14.37 -24.27
C VAL D 60 -17.40 15.27 -23.50
N PRO D 61 -17.78 14.87 -22.28
CA PRO D 61 -18.69 15.71 -21.49
C PRO D 61 -18.17 17.12 -21.26
N ALA D 62 -19.10 18.03 -21.02
CA ALA D 62 -18.79 19.44 -20.80
C ALA D 62 -17.96 19.68 -19.56
N ARG D 63 -18.07 18.79 -18.58
CA ARG D 63 -17.44 19.02 -17.29
C ARG D 63 -15.92 18.96 -17.40
N PHE D 64 -15.41 18.46 -18.53
CA PHE D 64 -13.98 18.53 -18.84
C PHE D 64 -13.66 19.83 -19.58
N SER D 65 -12.64 20.53 -19.13
CA SER D 65 -12.15 21.70 -19.84
C SER D 65 -10.65 21.73 -19.72
N GLY D 66 -10.04 22.54 -20.56
CA GLY D 66 -8.60 22.59 -20.67
C GLY D 66 -8.14 24.02 -20.76
N SER D 67 -6.96 24.28 -20.19
CA SER D 67 -6.49 25.64 -20.10
C SER D 67 -5.02 25.74 -19.79
N LEU D 68 -4.46 26.89 -20.12
CA LEU D 68 -3.11 27.17 -19.85
C LEU D 68 -3.15 28.09 -18.68
N ILE D 69 -2.74 27.61 -17.53
CA ILE D 69 -2.70 28.36 -16.31
C ILE D 69 -1.25 28.26 -15.93
N GLY D 70 -0.61 29.34 -15.52
CA GLY D 70 0.81 29.28 -15.25
C GLY D 70 1.34 29.61 -16.61
N ASP D 71 2.52 29.20 -17.05
CA ASP D 71 3.42 28.23 -16.51
C ASP D 71 3.08 26.84 -17.00
N LYS D 72 1.89 26.33 -16.71
CA LYS D 72 1.48 24.96 -17.07
C LYS D 72 0.23 24.81 -17.91
N ALA D 73 -0.07 23.55 -18.26
CA ALA D 73 -1.32 23.21 -18.90
C ALA D 73 -2.17 22.52 -17.85
N ALA D 74 -3.47 22.73 -17.89
CA ALA D 74 -4.34 22.19 -16.86
C ALA D 74 -5.53 21.47 -17.47
N LEU D 75 -5.98 20.43 -16.76
CA LEU D 75 -7.20 19.73 -17.08
C LEU D 75 -8.13 19.95 -15.93
N ILE D 76 -9.28 20.56 -16.18
CA ILE D 76 -10.27 20.78 -15.13
C ILE D 76 -11.48 19.88 -15.32
N ILE D 77 -11.87 19.23 -14.23
CA ILE D 77 -13.11 18.45 -14.19
C ILE D 77 -14.01 19.23 -13.24
N THR D 78 -15.03 19.87 -13.77
CA THR D 78 -15.76 20.83 -12.96
C THR D 78 -16.68 20.17 -11.93
N GLY D 79 -17.41 19.12 -12.30
CA GLY D 79 -18.14 18.36 -11.30
C GLY D 79 -17.94 16.86 -11.40
N ALA D 80 -16.82 16.38 -10.85
CA ALA D 80 -16.38 15.00 -11.04
C ALA D 80 -17.48 13.97 -10.78
N GLN D 81 -17.52 12.93 -11.61
CA GLN D 81 -18.41 11.79 -11.42
C GLN D 81 -17.54 10.61 -11.02
N THR D 82 -18.15 9.61 -10.39
CA THR D 82 -17.42 8.43 -9.95
C THR D 82 -16.80 7.69 -11.15
N GLU D 83 -17.39 7.90 -12.32
CA GLU D 83 -16.92 7.29 -13.56
C GLU D 83 -15.69 8.00 -14.14
N ASP D 84 -15.22 9.05 -13.47
CA ASP D 84 -13.99 9.72 -13.91
C ASP D 84 -12.75 9.20 -13.21
N GLU D 85 -12.93 8.21 -12.34
CA GLU D 85 -11.82 7.49 -11.75
C GLU D 85 -11.02 6.80 -12.85
N ALA D 86 -9.80 7.29 -13.09
CA ALA D 86 -9.00 6.90 -14.24
C ALA D 86 -7.59 7.43 -14.11
N ILE D 87 -6.75 7.09 -15.09
CA ILE D 87 -5.44 7.73 -15.27
C ILE D 87 -5.50 8.75 -16.39
N TYR D 88 -4.92 9.93 -16.14
CA TYR D 88 -4.97 11.05 -17.08
C TYR D 88 -3.58 11.39 -17.56
N PHE D 89 -3.35 11.27 -18.86
CA PHE D 89 -2.04 11.54 -19.44
C PHE D 89 -2.05 12.87 -20.14
N CYS D 90 -0.94 13.57 -20.01
CA CYS D 90 -0.77 14.85 -20.65
C CYS D 90 0.44 14.77 -21.58
N ALA D 91 0.28 15.21 -22.81
CA ALA D 91 1.39 15.20 -23.77
C ALA D 91 1.66 16.55 -24.30
N LEU D 92 2.93 16.88 -24.50
CA LEU D 92 3.32 18.18 -25.06
C LEU D 92 4.07 17.99 -26.36
N TRP D 93 3.88 18.94 -27.27
CA TRP D 93 4.49 18.91 -28.59
C TRP D 93 5.71 19.81 -28.57
N TYR D 94 6.86 19.28 -28.99
CA TYR D 94 8.09 20.04 -29.09
C TYR D 94 8.58 20.08 -30.54
N SER D 95 7.91 20.89 -31.35
CA SER D 95 8.32 21.17 -32.73
C SER D 95 8.11 20.00 -33.70
N ASP D 96 8.72 18.85 -33.39
CA ASP D 96 8.67 17.71 -34.29
C ASP D 96 8.46 16.37 -33.58
N HIS D 97 7.93 16.39 -32.36
CA HIS D 97 7.62 15.16 -31.63
C HIS D 97 6.76 15.43 -30.40
N TRP D 98 5.96 14.45 -30.00
CA TRP D 98 5.22 14.52 -28.73
C TRP D 98 6.01 13.88 -27.59
N VAL D 99 5.87 14.42 -26.38
CA VAL D 99 6.38 13.79 -25.14
C VAL D 99 5.26 13.63 -24.12
N PHE D 100 5.05 12.41 -23.63
CA PHE D 100 4.00 12.18 -22.62
C PHE D 100 4.54 12.37 -21.20
N GLY D 101 3.69 12.86 -20.31
CA GLY D 101 3.96 12.88 -18.89
C GLY D 101 3.72 11.50 -18.32
N GLY D 102 4.00 11.31 -17.04
CA GLY D 102 3.81 10.02 -16.39
C GLY D 102 2.38 9.69 -16.01
N GLY D 103 1.47 10.63 -16.20
CA GLY D 103 0.06 10.41 -15.93
C GLY D 103 -0.32 10.62 -14.48
N THR D 104 -1.56 11.00 -14.25
CA THR D 104 -2.09 11.19 -12.90
C THR D 104 -3.19 10.18 -12.61
N LYS D 105 -3.09 9.44 -11.49
CA LYS D 105 -4.16 8.53 -11.08
C LYS D 105 -5.17 9.30 -10.28
N LEU D 106 -6.38 9.46 -10.82
CA LEU D 106 -7.44 10.20 -10.12
C LEU D 106 -8.36 9.22 -9.40
N THR D 107 -8.47 9.39 -8.09
CA THR D 107 -9.39 8.59 -7.30
C THR D 107 -10.60 9.43 -7.00
N VAL D 108 -11.78 8.85 -7.14
CA VAL D 108 -13.00 9.48 -6.68
C VAL D 108 -13.52 8.77 -5.44
N LEU D 109 -13.49 9.48 -4.33
CA LEU D 109 -13.91 8.95 -3.05
C LEU D 109 -15.38 8.59 -3.02
N GLY D 110 -15.75 7.84 -1.99
CA GLY D 110 -17.15 7.60 -1.71
C GLY D 110 -17.69 6.32 -2.26
N GLN D 111 -16.88 5.57 -3.01
CA GLN D 111 -17.34 4.27 -3.49
C GLN D 111 -17.56 3.29 -2.35
N PRO D 112 -18.70 2.57 -2.39
CA PRO D 112 -19.08 1.61 -1.32
C PRO D 112 -18.35 0.28 -1.38
N LYS D 113 -18.02 -0.25 -0.21
CA LYS D 113 -17.39 -1.56 -0.09
C LYS D 113 -18.27 -2.59 -0.75
N ALA D 114 -17.65 -3.49 -1.50
CA ALA D 114 -18.35 -4.55 -2.22
C ALA D 114 -17.64 -5.84 -1.89
N ALA D 115 -18.38 -6.86 -1.46
CA ALA D 115 -17.77 -8.14 -1.11
C ALA D 115 -17.61 -8.92 -2.40
N PRO D 116 -16.60 -9.78 -2.44
CA PRO D 116 -16.35 -10.57 -3.66
C PRO D 116 -17.41 -11.61 -3.93
N SER D 117 -17.67 -11.91 -5.21
CA SER D 117 -18.38 -13.12 -5.61
C SER D 117 -17.32 -14.16 -5.81
N VAL D 118 -17.58 -15.38 -5.40
CA VAL D 118 -16.58 -16.42 -5.52
C VAL D 118 -17.18 -17.59 -6.27
N THR D 119 -16.48 -18.02 -7.29
CA THR D 119 -16.92 -19.18 -8.10
C THR D 119 -15.79 -20.16 -8.08
N LEU D 120 -16.05 -21.40 -7.66
CA LEU D 120 -14.99 -22.41 -7.64
C LEU D 120 -15.33 -23.62 -8.48
N PHE D 121 -14.41 -24.01 -9.36
CA PHE D 121 -14.56 -25.16 -10.28
C PHE D 121 -13.60 -26.29 -9.94
N PRO D 122 -14.07 -27.54 -9.96
CA PRO D 122 -13.14 -28.65 -9.76
C PRO D 122 -12.38 -28.95 -11.04
N PRO D 123 -11.40 -29.85 -10.97
CA PRO D 123 -10.74 -30.24 -12.22
C PRO D 123 -11.71 -30.89 -13.19
N SER D 124 -11.51 -30.70 -14.49
CA SER D 124 -12.36 -31.34 -15.48
C SER D 124 -11.96 -32.77 -15.64
N SER D 125 -12.85 -33.60 -16.18
CA SER D 125 -12.45 -34.98 -16.39
C SER D 125 -11.42 -35.04 -17.54
N GLU D 126 -11.52 -34.11 -18.49
CA GLU D 126 -10.51 -34.04 -19.54
C GLU D 126 -9.13 -33.78 -18.96
N GLU D 127 -9.02 -32.80 -18.07
CA GLU D 127 -7.73 -32.52 -17.48
C GLU D 127 -7.25 -33.74 -16.70
N LEU D 128 -8.16 -34.38 -15.96
CA LEU D 128 -7.83 -35.57 -15.15
C LEU D 128 -7.38 -36.73 -16.03
N GLN D 129 -7.96 -36.85 -17.20
CA GLN D 129 -7.57 -37.92 -18.08
C GLN D 129 -6.17 -37.68 -18.61
N ALA D 130 -5.75 -36.43 -18.59
CA ALA D 130 -4.40 -36.05 -19.01
C ALA D 130 -3.42 -36.10 -17.81
N ASN D 131 -3.86 -36.69 -16.71
CA ASN D 131 -3.01 -36.88 -15.54
C ASN D 131 -2.64 -35.56 -14.87
N LYS D 132 -3.58 -34.62 -14.87
CA LYS D 132 -3.40 -33.35 -14.17
C LYS D 132 -4.70 -32.96 -13.52
N ALA D 133 -4.64 -31.92 -12.70
CA ALA D 133 -5.80 -31.46 -11.96
C ALA D 133 -5.54 -30.03 -11.53
N THR D 134 -6.50 -29.15 -11.80
CA THR D 134 -6.39 -27.78 -11.39
C THR D 134 -7.74 -27.36 -10.86
N LEU D 135 -7.72 -26.74 -9.69
CA LEU D 135 -8.88 -26.15 -9.09
C LEU D 135 -8.86 -24.67 -9.41
N VAL D 136 -10.00 -24.10 -9.77
CA VAL D 136 -10.08 -22.72 -10.26
C VAL D 136 -11.03 -21.88 -9.41
N CYS D 137 -10.50 -20.83 -8.80
CA CYS D 137 -11.28 -19.99 -7.88
C CYS D 137 -11.30 -18.58 -8.46
N LEU D 138 -12.46 -18.18 -8.98
CA LEU D 138 -12.59 -16.88 -9.62
C LEU D 138 -13.22 -15.93 -8.63
N ILE D 139 -12.66 -14.73 -8.52
CA ILE D 139 -13.04 -13.77 -7.49
C ILE D 139 -13.32 -12.45 -8.15
N SER D 140 -14.55 -11.97 -8.05
CA SER D 140 -14.91 -10.76 -8.76
C SER D 140 -15.79 -9.76 -8.00
N ASP D 141 -15.77 -8.53 -8.52
CA ASP D 141 -16.62 -7.43 -8.06
C ASP D 141 -16.42 -7.04 -6.62
N PHE D 142 -15.18 -7.07 -6.14
CA PHE D 142 -14.90 -6.63 -4.79
C PHE D 142 -14.27 -5.24 -4.77
N TYR D 143 -14.53 -4.48 -3.71
CA TYR D 143 -13.95 -3.17 -3.56
C TYR D 143 -13.89 -2.90 -2.09
N PRO D 144 -12.77 -2.39 -1.58
CA PRO D 144 -11.50 -2.04 -2.23
C PRO D 144 -10.75 -3.24 -2.77
N GLY D 145 -9.69 -2.97 -3.53
CA GLY D 145 -9.07 -3.99 -4.34
C GLY D 145 -7.99 -4.81 -3.67
N ALA D 146 -8.29 -5.35 -2.50
CA ALA D 146 -7.38 -6.30 -1.86
C ALA D 146 -8.16 -7.45 -1.23
N VAL D 147 -7.71 -8.67 -1.51
CA VAL D 147 -8.28 -9.87 -0.92
C VAL D 147 -7.15 -10.80 -0.45
N THR D 148 -7.48 -11.70 0.47
CA THR D 148 -6.58 -12.78 0.84
C THR D 148 -7.21 -14.10 0.47
N VAL D 149 -6.47 -14.99 -0.18
CA VAL D 149 -7.03 -16.27 -0.55
C VAL D 149 -6.36 -17.40 0.21
N ALA D 150 -7.16 -18.35 0.71
CA ALA D 150 -6.60 -19.52 1.35
C ALA D 150 -7.25 -20.77 0.83
N TRP D 151 -6.45 -21.80 0.61
CA TRP D 151 -6.99 -23.06 0.18
C TRP D 151 -6.97 -24.09 1.32
N LYS D 152 -7.97 -24.96 1.35
CA LYS D 152 -8.07 -26.01 2.35
C LYS D 152 -8.26 -27.35 1.67
N ALA D 153 -7.48 -28.33 2.12
CA ALA D 153 -7.68 -29.72 1.72
C ALA D 153 -8.35 -30.37 2.90
N ASP D 154 -9.58 -30.85 2.71
CA ASP D 154 -10.45 -31.15 3.83
C ASP D 154 -10.45 -29.92 4.76
N SER D 155 -9.85 -30.01 5.93
CA SER D 155 -9.78 -28.86 6.85
C SER D 155 -8.37 -28.29 7.01
N SER D 156 -7.39 -28.96 6.42
CA SER D 156 -5.99 -28.57 6.56
C SER D 156 -5.58 -27.54 5.51
N PRO D 157 -4.70 -26.60 5.89
CA PRO D 157 -4.27 -25.63 4.88
C PRO D 157 -3.42 -26.26 3.80
N VAL D 158 -3.50 -25.70 2.60
CA VAL D 158 -2.65 -26.07 1.48
C VAL D 158 -1.91 -24.83 1.02
N LYS D 159 -0.59 -24.93 0.87
CA LYS D 159 0.20 -23.82 0.36
C LYS D 159 0.87 -24.17 -0.98
N ALA D 160 1.34 -25.41 -1.09
CA ALA D 160 1.97 -25.88 -2.32
C ALA D 160 1.01 -25.90 -3.53
N GLY D 161 1.49 -25.40 -4.65
CA GLY D 161 0.74 -25.44 -5.89
C GLY D 161 -0.31 -24.34 -5.99
N VAL D 162 -0.24 -23.32 -5.13
CA VAL D 162 -1.19 -22.22 -5.19
C VAL D 162 -0.58 -21.07 -6.00
N GLU D 163 -1.29 -20.60 -7.02
CA GLU D 163 -0.84 -19.48 -7.83
C GLU D 163 -1.97 -18.48 -7.92
N THR D 164 -1.76 -17.26 -7.42
CA THR D 164 -2.84 -16.29 -7.26
C THR D 164 -2.54 -14.96 -7.93
N THR D 165 -3.53 -14.34 -8.60
CA THR D 165 -3.19 -13.11 -9.32
C THR D 165 -3.21 -11.92 -8.42
N THR D 166 -2.55 -10.86 -8.87
CA THR D 166 -2.80 -9.54 -8.36
C THR D 166 -4.22 -9.10 -8.72
N PRO D 167 -4.87 -8.30 -7.86
CA PRO D 167 -6.21 -7.85 -8.23
C PRO D 167 -6.17 -6.90 -9.41
N SER D 168 -7.22 -6.83 -10.21
CA SER D 168 -7.23 -6.02 -11.43
C SER D 168 -8.51 -5.20 -11.49
N LYS D 169 -8.38 -3.90 -11.69
CA LYS D 169 -9.54 -3.03 -11.73
C LYS D 169 -10.38 -3.35 -12.95
N GLN D 170 -11.64 -3.72 -12.73
CA GLN D 170 -12.61 -3.91 -13.80
C GLN D 170 -13.12 -2.57 -14.30
N SER D 171 -13.84 -2.61 -15.42
CA SER D 171 -14.49 -1.44 -16.00
C SER D 171 -15.45 -0.70 -15.06
N ASN D 172 -16.13 -1.45 -14.20
CA ASN D 172 -17.02 -0.88 -13.19
C ASN D 172 -16.35 -0.49 -11.87
N ASN D 173 -15.02 -0.38 -11.88
CA ASN D 173 -14.21 0.13 -10.79
C ASN D 173 -14.02 -0.83 -9.60
N LYS D 174 -14.67 -1.99 -9.61
CA LYS D 174 -14.39 -3.01 -8.60
C LYS D 174 -13.26 -3.90 -9.13
N TYR D 175 -12.86 -4.92 -8.37
CA TYR D 175 -11.65 -5.68 -8.67
C TYR D 175 -11.95 -7.13 -8.97
N ALA D 176 -11.03 -7.77 -9.70
CA ALA D 176 -11.16 -9.18 -9.98
C ALA D 176 -9.82 -9.85 -9.69
N ALA D 177 -9.90 -11.08 -9.21
CA ALA D 177 -8.70 -11.87 -9.07
C ALA D 177 -9.08 -13.31 -9.35
N SER D 178 -8.06 -14.15 -9.47
CA SER D 178 -8.26 -15.56 -9.57
C SER D 178 -7.12 -16.29 -8.89
N SER D 179 -7.39 -17.49 -8.44
CA SER D 179 -6.39 -18.29 -7.78
C SER D 179 -6.51 -19.72 -8.24
N TYR D 180 -5.36 -20.33 -8.56
CA TYR D 180 -5.29 -21.68 -9.05
C TYR D 180 -4.53 -22.62 -8.12
N LEU D 181 -5.14 -23.75 -7.78
CA LEU D 181 -4.48 -24.81 -7.03
C LEU D 181 -4.19 -26.00 -7.96
N SER D 182 -2.90 -26.27 -8.20
CA SER D 182 -2.47 -27.42 -8.97
C SER D 182 -2.31 -28.64 -8.08
N LEU D 183 -2.85 -29.77 -8.53
CA LEU D 183 -2.79 -31.01 -7.79
C LEU D 183 -2.49 -32.18 -8.72
N THR D 184 -2.15 -33.32 -8.11
CA THR D 184 -2.15 -34.58 -8.84
C THR D 184 -3.57 -35.12 -8.83
N PRO D 185 -3.90 -35.95 -9.81
CA PRO D 185 -5.17 -36.68 -9.68
C PRO D 185 -5.23 -37.48 -8.38
N GLU D 186 -4.07 -37.91 -7.88
CA GLU D 186 -4.04 -38.73 -6.66
C GLU D 186 -4.48 -37.89 -5.47
N GLN D 187 -3.83 -36.76 -5.27
CA GLN D 187 -4.16 -35.85 -4.18
C GLN D 187 -5.62 -35.40 -4.20
N TRP D 188 -6.17 -35.20 -5.39
CA TRP D 188 -7.56 -34.74 -5.56
C TRP D 188 -8.59 -35.76 -5.07
N LYS D 189 -8.43 -37.01 -5.50
CA LYS D 189 -9.37 -38.07 -5.15
C LYS D 189 -9.11 -38.68 -3.75
N SER D 190 -8.08 -38.20 -3.06
CA SER D 190 -7.72 -38.73 -1.74
C SER D 190 -8.29 -37.90 -0.59
N HIS D 191 -8.69 -36.66 -0.86
CA HIS D 191 -9.40 -35.88 0.16
C HIS D 191 -10.88 -35.92 -0.13
N LYS D 192 -11.70 -35.58 0.86
CA LYS D 192 -13.14 -35.59 0.69
C LYS D 192 -13.62 -34.29 0.05
N SER D 193 -12.88 -33.20 0.27
CA SER D 193 -13.22 -31.91 -0.33
C SER D 193 -12.02 -30.97 -0.34
N TYR D 194 -12.04 -30.01 -1.26
CA TYR D 194 -11.15 -28.84 -1.23
C TYR D 194 -11.98 -27.56 -1.18
N SER D 195 -11.42 -26.50 -0.57
CA SER D 195 -12.10 -25.22 -0.46
C SER D 195 -11.25 -24.01 -0.82
N CYS D 196 -11.90 -23.00 -1.38
CA CYS D 196 -11.32 -21.69 -1.67
C CYS D 196 -11.97 -20.73 -0.70
N GLN D 197 -11.17 -20.10 0.17
CA GLN D 197 -11.67 -19.15 1.15
C GLN D 197 -11.12 -17.76 0.89
N VAL D 198 -11.99 -16.81 0.58
CA VAL D 198 -11.54 -15.48 0.21
C VAL D 198 -11.93 -14.52 1.28
N THR D 199 -10.93 -13.88 1.89
CA THR D 199 -11.16 -12.85 2.90
C THR D 199 -11.00 -11.43 2.35
N HIS D 200 -12.01 -10.59 2.62
CA HIS D 200 -12.07 -9.24 2.10
C HIS D 200 -12.56 -8.34 3.21
N GLU D 201 -11.71 -7.42 3.65
CA GLU D 201 -12.02 -6.53 4.78
C GLU D 201 -12.61 -7.25 5.98
N GLY D 202 -11.91 -8.25 6.51
CA GLY D 202 -12.40 -8.94 7.70
C GLY D 202 -13.50 -9.98 7.51
N SER D 203 -14.20 -9.97 6.36
CA SER D 203 -15.22 -10.98 6.06
C SER D 203 -14.79 -12.03 5.04
N THR D 204 -15.29 -13.24 5.19
CA THR D 204 -14.80 -14.34 4.36
C THR D 204 -15.93 -15.01 3.62
N VAL D 205 -15.71 -15.27 2.34
CA VAL D 205 -16.62 -16.04 1.50
C VAL D 205 -15.90 -17.35 1.15
N GLU D 206 -16.60 -18.46 1.32
CA GLU D 206 -16.04 -19.78 1.07
C GLU D 206 -16.85 -20.64 0.12
N LYS D 207 -16.12 -21.31 -0.77
CA LYS D 207 -16.72 -22.28 -1.71
C LYS D 207 -15.96 -23.57 -1.59
N THR D 208 -16.66 -24.66 -1.88
CA THR D 208 -16.16 -26.00 -1.67
C THR D 208 -16.64 -26.85 -2.81
N VAL D 209 -15.75 -27.73 -3.28
CA VAL D 209 -16.07 -28.77 -4.24
C VAL D 209 -15.54 -30.13 -3.75
N ALA D 210 -16.09 -31.22 -4.28
CA ALA D 210 -15.64 -32.55 -3.85
C ALA D 210 -15.54 -33.51 -5.05
N PRO D 211 -14.69 -34.54 -4.95
CA PRO D 211 -14.65 -35.54 -6.02
C PRO D 211 -15.98 -36.28 -6.19
N THR D 212 -16.67 -35.98 -7.29
CA THR D 212 -17.97 -36.58 -7.61
C THR D 212 -18.25 -36.56 -9.11
N GLN E 1 21.40 -6.86 33.34
CA GLN E 1 20.08 -6.25 33.18
C GLN E 1 19.43 -6.69 31.87
N VAL E 2 18.22 -7.23 31.96
CA VAL E 2 17.50 -7.70 30.79
C VAL E 2 16.94 -6.52 30.00
N GLN E 3 17.27 -6.45 28.72
CA GLN E 3 16.81 -5.38 27.85
C GLN E 3 16.35 -5.93 26.50
N LEU E 4 15.25 -5.36 26.02
CA LEU E 4 14.67 -5.69 24.71
C LEU E 4 14.73 -4.42 23.89
N GLN E 5 15.50 -4.41 22.82
CA GLN E 5 15.65 -3.21 22.01
C GLN E 5 15.10 -3.40 20.62
N GLN E 6 14.08 -2.62 20.28
CA GLN E 6 13.42 -2.77 19.00
C GLN E 6 13.88 -1.77 17.96
N SER E 7 13.68 -2.15 16.71
CA SER E 7 14.04 -1.32 15.57
C SER E 7 13.25 -1.81 14.38
N GLY E 8 13.07 -0.93 13.39
CA GLY E 8 12.30 -1.31 12.21
C GLY E 8 11.86 -0.08 11.44
N ALA E 9 11.52 -0.28 10.17
CA ALA E 9 11.01 0.80 9.34
C ALA E 9 9.73 1.34 9.96
N GLU E 10 9.57 2.66 10.00
CA GLU E 10 8.41 3.28 10.62
C GLU E 10 7.36 3.71 9.59
N LEU E 11 7.66 3.48 8.32
CA LEU E 11 6.71 3.77 7.24
C LEU E 11 6.77 2.69 6.18
N ALA E 12 5.60 2.28 5.70
CA ALA E 12 5.47 1.29 4.61
C ALA E 12 4.27 1.62 3.71
N ARG E 13 4.34 1.18 2.47
CA ARG E 13 3.27 1.39 1.49
C ARG E 13 2.21 0.29 1.60
N PRO E 14 0.98 0.58 1.17
CA PRO E 14 -0.01 -0.51 1.24
C PRO E 14 0.35 -1.69 0.33
N GLY E 15 0.03 -2.90 0.77
CA GLY E 15 0.38 -4.07 -0.03
C GLY E 15 1.86 -4.46 0.08
N ALA E 16 2.68 -3.59 0.67
CA ALA E 16 4.11 -3.88 0.79
C ALA E 16 4.39 -4.76 2.01
N SER E 17 5.66 -4.95 2.31
CA SER E 17 6.07 -5.74 3.45
C SER E 17 7.05 -4.95 4.31
N VAL E 18 7.23 -5.37 5.56
CA VAL E 18 8.23 -4.73 6.43
C VAL E 18 8.70 -5.74 7.47
N LYS E 19 9.99 -5.70 7.83
CA LYS E 19 10.53 -6.60 8.85
C LYS E 19 11.00 -5.78 10.04
N LEU E 20 10.42 -6.08 11.20
CA LEU E 20 10.78 -5.44 12.45
C LEU E 20 11.66 -6.40 13.24
N SER E 21 12.47 -5.87 14.15
CA SER E 21 13.41 -6.67 14.91
C SER E 21 13.39 -6.33 16.40
N CYS E 22 13.68 -7.31 17.25
CA CYS E 22 13.78 -7.12 18.69
C CYS E 22 15.05 -7.74 19.22
N LYS E 23 16.05 -6.91 19.54
CA LYS E 23 17.32 -7.44 20.03
C LYS E 23 17.25 -7.63 21.53
N ALA E 24 17.38 -8.88 21.96
CA ALA E 24 17.33 -9.24 23.37
C ALA E 24 18.73 -9.43 23.94
N SER E 25 18.94 -9.00 25.19
CA SER E 25 20.18 -9.26 25.90
C SER E 25 19.92 -9.32 27.40
N GLY E 26 20.80 -10.03 28.11
CA GLY E 26 20.73 -10.12 29.57
C GLY E 26 20.07 -11.39 30.12
N TYR E 27 19.72 -12.33 29.25
CA TYR E 27 19.14 -13.60 29.66
C TYR E 27 19.33 -14.64 28.55
N THR E 28 18.83 -15.86 28.75
CA THR E 28 19.02 -16.93 27.76
C THR E 28 17.94 -16.88 26.68
N PHE E 29 18.32 -16.29 25.54
CA PHE E 29 17.43 -16.01 24.41
C PHE E 29 16.63 -17.20 23.93
N THR E 30 17.23 -18.38 24.01
CA THR E 30 16.60 -19.60 23.51
C THR E 30 15.60 -20.19 24.50
N SER E 31 15.59 -19.68 25.73
CA SER E 31 14.85 -20.35 26.80
C SER E 31 13.42 -19.81 27.06
N HIS E 32 13.09 -18.63 26.53
CA HIS E 32 11.79 -18.01 26.77
C HIS E 32 11.06 -17.70 25.47
N TRP E 33 9.74 -17.85 25.49
CA TRP E 33 8.90 -17.45 24.35
C TRP E 33 8.87 -15.93 24.15
N MET E 34 9.22 -15.49 22.96
CA MET E 34 9.21 -14.08 22.65
C MET E 34 7.88 -13.68 22.05
N GLN E 35 7.13 -12.82 22.75
CA GLN E 35 5.84 -12.36 22.26
C GLN E 35 5.95 -11.17 21.30
N TRP E 36 4.99 -11.06 20.39
CA TRP E 36 4.80 -9.84 19.59
C TRP E 36 3.35 -9.38 19.71
N LEU E 37 3.16 -8.10 20.00
CA LEU E 37 1.84 -7.48 20.16
C LEU E 37 1.72 -6.19 19.38
N LYS E 38 0.50 -5.71 19.15
CA LYS E 38 0.31 -4.38 18.55
C LYS E 38 -0.71 -3.57 19.29
N GLN E 39 -0.62 -2.25 19.20
CA GLN E 39 -1.63 -1.35 19.74
C GLN E 39 -1.91 -0.29 18.71
N ARG E 40 -3.09 -0.38 18.11
CA ARG E 40 -3.51 0.65 17.17
C ARG E 40 -3.88 1.92 17.95
N PRO E 41 -3.83 3.06 17.26
CA PRO E 41 -4.12 4.30 17.98
C PRO E 41 -5.52 4.32 18.61
N GLY E 42 -5.57 4.53 19.91
CA GLY E 42 -6.83 4.64 20.62
C GLY E 42 -7.47 3.30 20.94
N GLN E 43 -6.70 2.23 20.75
CA GLN E 43 -7.21 0.91 21.08
CA GLN E 43 -7.18 0.89 21.03
C GLN E 43 -6.26 0.24 22.06
N GLY E 44 -6.59 -1.00 22.45
CA GLY E 44 -5.80 -1.75 23.41
C GLY E 44 -4.84 -2.71 22.76
N LEU E 45 -4.16 -3.48 23.60
CA LEU E 45 -3.21 -4.48 23.15
C LEU E 45 -3.89 -5.63 22.42
N GLU E 46 -3.26 -6.04 21.32
CA GLU E 46 -3.66 -7.22 20.58
C GLU E 46 -2.46 -8.12 20.42
N TRP E 47 -2.59 -9.40 20.78
CA TRP E 47 -1.49 -10.36 20.72
C TRP E 47 -1.40 -10.92 19.31
N ILE E 48 -0.17 -11.02 18.80
CA ILE E 48 0.00 -11.46 17.41
C ILE E 48 0.50 -12.87 17.35
N GLY E 49 1.62 -13.14 18.03
CA GLY E 49 2.23 -14.44 17.91
C GLY E 49 3.42 -14.51 18.81
N ALA E 50 4.09 -15.67 18.81
CA ALA E 50 5.23 -15.86 19.68
C ALA E 50 6.18 -16.81 19.02
N ILE E 51 7.44 -16.78 19.43
CA ILE E 51 8.44 -17.67 18.86
C ILE E 51 9.33 -18.21 19.97
N TYR E 52 9.77 -19.46 19.82
CA TYR E 52 10.69 -20.10 20.74
C TYR E 52 12.05 -20.24 20.09
N PRO E 53 12.96 -19.30 20.37
CA PRO E 53 14.27 -19.26 19.68
C PRO E 53 15.13 -20.52 19.86
N GLY E 54 14.73 -21.41 20.77
CA GLY E 54 15.40 -22.68 20.93
C GLY E 54 15.32 -23.51 19.66
N ASP E 55 14.13 -23.60 19.08
CA ASP E 55 13.93 -24.39 17.86
C ASP E 55 13.17 -23.66 16.76
N GLY E 56 12.79 -22.42 17.01
CA GLY E 56 12.18 -21.59 15.98
C GLY E 56 10.70 -21.86 15.82
N ASP E 57 10.15 -22.64 16.75
CA ASP E 57 8.73 -22.93 16.78
C ASP E 57 7.94 -21.65 17.01
N THR E 58 6.73 -21.57 16.47
CA THR E 58 5.92 -20.36 16.58
C THR E 58 4.47 -20.64 16.99
N LYS E 59 3.80 -19.59 17.45
CA LYS E 59 2.40 -19.60 17.80
C LYS E 59 1.75 -18.37 17.18
N PHE E 60 0.49 -18.48 16.79
CA PHE E 60 -0.22 -17.36 16.14
C PHE E 60 -1.72 -17.33 16.51
N THR E 61 -2.34 -16.17 16.44
CA THR E 61 -3.80 -16.14 16.30
C THR E 61 -4.08 -16.25 14.80
N GLN E 62 -5.12 -17.01 14.46
CA GLN E 62 -5.45 -17.29 13.07
C GLN E 62 -5.38 -16.06 12.19
N LYS E 63 -5.93 -14.98 12.70
CA LYS E 63 -5.98 -13.72 11.97
C LYS E 63 -4.62 -13.33 11.34
N PHE E 64 -3.51 -13.68 12.00
CA PHE E 64 -2.18 -13.24 11.57
C PHE E 64 -1.32 -14.29 10.88
N LYS E 65 -1.86 -15.44 10.49
CA LYS E 65 -0.98 -16.52 10.04
C LYS E 65 -0.40 -16.22 8.67
N ASP E 66 -1.23 -15.73 7.76
CA ASP E 66 -0.78 -15.48 6.41
C ASP E 66 -0.39 -14.01 6.29
N LYS E 67 0.07 -13.43 7.40
CA LYS E 67 0.41 -12.02 7.43
C LYS E 67 1.72 -11.75 8.14
N ALA E 68 1.84 -12.30 9.34
CA ALA E 68 3.02 -12.12 10.16
C ALA E 68 3.87 -13.38 10.10
N THR E 69 5.16 -13.19 9.86
CA THR E 69 6.17 -14.25 9.85
C THR E 69 7.24 -14.03 10.92
N LEU E 70 7.33 -14.97 11.85
CA LEU E 70 8.26 -14.86 12.99
C LEU E 70 9.54 -15.68 12.80
N THR E 71 10.68 -15.03 12.96
CA THR E 71 11.98 -15.71 12.88
C THR E 71 12.87 -15.23 14.01
N ALA E 72 13.96 -15.94 14.26
CA ALA E 72 14.88 -15.59 15.35
C ALA E 72 16.31 -15.95 14.99
N ASP E 73 17.23 -15.08 15.37
CA ASP E 73 18.67 -15.31 15.15
C ASP E 73 19.36 -15.68 16.46
N LYS E 74 19.68 -16.95 16.63
CA LYS E 74 20.24 -17.44 17.90
C LYS E 74 21.55 -16.75 18.25
N SER E 75 22.36 -16.45 17.23
CA SER E 75 23.70 -15.92 17.41
C SER E 75 23.72 -14.43 17.78
N SER E 76 22.86 -13.64 17.15
CA SER E 76 22.75 -12.21 17.45
C SER E 76 21.63 -11.96 18.47
N THR E 77 20.98 -13.04 18.89
CA THR E 77 19.86 -12.99 19.82
C THR E 77 18.83 -11.93 19.45
N THR E 78 18.42 -11.89 18.19
CA THR E 78 17.37 -10.96 17.77
C THR E 78 16.20 -11.71 17.16
N ALA E 79 15.01 -11.38 17.62
CA ALA E 79 13.78 -11.87 17.03
C ALA E 79 13.33 -10.92 15.93
N TYR E 80 12.71 -11.48 14.91
CA TYR E 80 12.18 -10.68 13.81
C TYR E 80 10.72 -10.99 13.57
N MET E 81 9.97 -9.98 13.16
CA MET E 81 8.62 -10.17 12.67
C MET E 81 8.47 -9.50 11.32
N GLN E 82 8.22 -10.28 10.29
CA GLN E 82 7.91 -9.74 8.97
C GLN E 82 6.41 -9.60 8.80
N LEU E 83 5.96 -8.42 8.37
CA LEU E 83 4.54 -8.21 8.08
C LEU E 83 4.31 -8.02 6.59
N SER E 84 3.30 -8.70 6.07
CA SER E 84 3.03 -8.74 4.65
C SER E 84 1.72 -8.06 4.26
N SER E 85 1.59 -7.77 2.97
CA SER E 85 0.33 -7.29 2.40
C SER E 85 -0.23 -6.14 3.24
N LEU E 86 0.64 -5.23 3.63
CA LEU E 86 0.28 -4.21 4.61
C LEU E 86 -0.93 -3.39 4.16
N ALA E 87 -1.73 -3.01 5.16
CA ALA E 87 -2.97 -2.26 5.00
C ALA E 87 -3.07 -1.18 6.06
N SER E 88 -4.12 -0.38 5.98
CA SER E 88 -4.39 0.68 6.95
C SER E 88 -4.46 0.15 8.39
N GLU E 89 -5.15 -0.97 8.57
CA GLU E 89 -5.33 -1.53 9.89
C GLU E 89 -4.01 -1.99 10.50
N ASP E 90 -2.94 -2.02 9.69
CA ASP E 90 -1.62 -2.42 10.19
C ASP E 90 -0.81 -1.24 10.76
N SER E 91 -1.32 -0.01 10.64
CA SER E 91 -0.65 1.12 11.30
C SER E 91 -0.81 0.99 12.81
N ALA E 92 0.28 0.96 13.56
CA ALA E 92 0.21 0.69 14.98
C ALA E 92 1.60 0.75 15.59
N VAL E 93 1.66 0.63 16.91
CA VAL E 93 2.92 0.49 17.60
C VAL E 93 3.02 -0.98 17.89
N TYR E 94 4.11 -1.59 17.45
CA TYR E 94 4.34 -3.02 17.60
C TYR E 94 5.32 -3.21 18.75
N TYR E 95 4.96 -4.05 19.70
CA TYR E 95 5.79 -4.34 20.88
C TYR E 95 6.29 -5.77 20.84
N CYS E 96 7.51 -5.99 21.30
CA CYS E 96 7.94 -7.34 21.56
C CYS E 96 8.11 -7.41 23.05
N ALA E 97 7.72 -8.53 23.63
CA ALA E 97 7.84 -8.73 25.08
C ALA E 97 8.19 -10.17 25.41
N ARG E 98 8.91 -10.36 26.50
CA ARG E 98 9.27 -11.70 26.92
C ARG E 98 8.15 -12.31 27.76
N GLU E 99 7.74 -13.52 27.41
CA GLU E 99 6.85 -14.28 28.27
C GLU E 99 7.70 -15.12 29.20
N ASN E 100 7.73 -14.75 30.47
CA ASN E 100 8.51 -15.49 31.44
C ASN E 100 8.09 -16.98 31.49
N LEU E 101 9.05 -17.88 31.26
CA LEU E 101 8.72 -19.28 30.94
C LEU E 101 7.84 -19.95 31.99
N TYR E 102 8.12 -19.68 33.27
CA TYR E 102 7.39 -20.33 34.37
C TYR E 102 6.59 -19.31 35.18
N GLY E 103 6.85 -18.02 34.96
CA GLY E 103 6.06 -16.95 35.56
C GLY E 103 4.77 -16.72 34.78
N TYR E 104 4.92 -16.78 33.45
CA TYR E 104 3.84 -16.64 32.47
C TYR E 104 3.42 -15.18 32.26
N TYR E 105 3.85 -14.29 33.16
CA TYR E 105 3.61 -12.85 32.98
C TYR E 105 4.53 -12.31 31.90
N PHE E 106 4.20 -11.15 31.38
CA PHE E 106 5.06 -10.50 30.40
C PHE E 106 5.96 -9.49 31.14
N ASP E 107 7.17 -9.90 31.53
CA ASP E 107 7.95 -9.04 32.42
C ASP E 107 8.70 -7.92 31.70
N TYR E 108 9.43 -8.23 30.63
CA TYR E 108 10.24 -7.23 29.94
C TYR E 108 9.71 -6.88 28.57
N TRP E 109 9.73 -5.58 28.25
CA TRP E 109 9.10 -5.07 27.02
C TRP E 109 10.06 -4.27 26.14
N GLY E 110 9.84 -4.30 24.82
CA GLY E 110 10.59 -3.47 23.92
C GLY E 110 10.00 -2.08 24.00
N GLN E 111 10.70 -1.08 23.47
CA GLN E 111 10.19 0.29 23.53
C GLN E 111 9.14 0.56 22.43
N GLY E 112 8.96 -0.42 21.57
CA GLY E 112 7.92 -0.33 20.55
C GLY E 112 8.40 0.32 19.26
N THR E 113 7.97 -0.25 18.14
CA THR E 113 8.23 0.32 16.83
C THR E 113 6.94 0.89 16.28
N THR E 114 6.96 2.16 15.88
CA THR E 114 5.78 2.83 15.30
C THR E 114 5.71 2.71 13.79
N LEU E 115 4.63 2.14 13.27
CA LEU E 115 4.48 1.92 11.83
C LEU E 115 3.25 2.61 11.28
N THR E 116 3.46 3.39 10.23
CA THR E 116 2.34 3.97 9.49
C THR E 116 2.35 3.30 8.12
N VAL E 117 1.18 2.82 7.70
CA VAL E 117 0.96 2.29 6.35
C VAL E 117 0.21 3.34 5.55
N SER E 118 0.90 3.94 4.59
CA SER E 118 0.34 5.05 3.81
C SER E 118 0.96 5.15 2.44
N SER E 119 0.25 5.75 1.50
CA SER E 119 0.85 6.02 0.19
C SER E 119 1.31 7.47 0.09
N ALA E 120 1.21 8.21 1.19
CA ALA E 120 1.56 9.62 1.18
C ALA E 120 3.05 9.77 1.22
N SER E 121 3.53 10.90 0.71
CA SER E 121 4.93 11.24 0.74
C SER E 121 5.43 11.42 2.17
N THR E 122 6.60 10.89 2.44
CA THR E 122 7.29 11.24 3.68
C THR E 122 7.69 12.74 3.62
N LYS E 123 7.54 13.49 4.72
CA LYS E 123 8.12 14.83 4.79
C LYS E 123 8.93 15.04 6.08
N GLY E 124 10.12 15.58 5.91
CA GLY E 124 10.98 15.86 7.03
C GLY E 124 10.60 17.20 7.65
N PRO E 125 10.86 17.35 8.96
CA PRO E 125 10.54 18.58 9.66
C PRO E 125 11.54 19.71 9.52
N SER E 126 11.03 20.94 9.59
CA SER E 126 11.85 22.08 9.90
C SER E 126 12.04 22.04 11.39
N VAL E 127 13.18 22.47 11.86
CA VAL E 127 13.39 22.56 13.29
C VAL E 127 13.73 24.01 13.56
N PHE E 128 12.92 24.67 14.37
CA PHE E 128 13.14 26.04 14.74
C PHE E 128 13.42 26.15 16.25
N PRO E 129 14.33 27.06 16.65
CA PRO E 129 14.64 27.27 18.08
C PRO E 129 13.51 28.05 18.69
N LEU E 130 13.09 27.69 19.91
CA LEU E 130 12.08 28.46 20.64
C LEU E 130 12.84 29.17 21.73
N ALA E 131 13.22 30.41 21.47
CA ALA E 131 14.05 31.12 22.42
C ALA E 131 13.14 32.01 23.26
N PRO E 132 13.32 31.96 24.59
CA PRO E 132 12.51 32.83 25.43
C PRO E 132 12.89 34.31 25.27
N SER E 133 11.89 35.18 25.17
CA SER E 133 12.11 36.61 25.06
C SER E 133 12.36 37.22 26.43
N SER E 134 12.90 38.43 26.44
CA SER E 134 13.30 39.16 27.65
C SER E 134 12.27 39.11 28.78
N LYS E 135 10.99 39.32 28.44
CA LYS E 135 9.92 39.32 29.44
C LYS E 135 9.73 37.95 30.10
N SER E 136 10.12 36.89 29.38
CA SER E 136 9.97 35.51 29.85
C SER E 136 11.26 34.97 30.49
N THR E 137 12.33 35.75 30.39
CA THR E 137 13.64 35.37 30.95
C THR E 137 14.05 36.17 32.18
N SER E 138 13.15 37.00 32.74
CA SER E 138 13.49 37.77 33.93
C SER E 138 13.38 36.97 35.23
N GLY E 139 12.83 35.75 35.19
CA GLY E 139 12.66 34.93 36.39
C GLY E 139 13.90 34.09 36.67
N GLY E 140 13.89 33.31 37.75
CA GLY E 140 15.05 32.48 38.06
C GLY E 140 15.28 31.40 37.01
N THR E 141 14.18 30.90 36.48
CA THR E 141 14.25 29.89 35.43
C THR E 141 13.44 30.33 34.23
N ALA E 142 13.72 29.67 33.12
CA ALA E 142 13.07 29.95 31.85
C ALA E 142 13.04 28.70 31.03
N ALA E 143 12.11 28.64 30.10
CA ALA E 143 11.95 27.48 29.25
C ALA E 143 12.41 27.84 27.85
N LEU E 144 13.21 26.97 27.23
CA LEU E 144 13.65 27.13 25.85
C LEU E 144 13.29 25.83 25.17
N GLY E 145 13.21 25.81 23.85
CA GLY E 145 12.80 24.59 23.20
C GLY E 145 13.09 24.53 21.74
N CYS E 146 12.55 23.48 21.12
CA CYS E 146 12.62 23.31 19.69
C CYS E 146 11.24 23.04 19.16
N LEU E 147 10.88 23.76 18.11
CA LEU E 147 9.65 23.52 17.37
C LEU E 147 9.99 22.60 16.23
N VAL E 148 9.31 21.46 16.18
CA VAL E 148 9.58 20.47 15.14
C VAL E 148 8.38 20.52 14.15
N LYS E 149 8.51 21.27 13.06
CA LYS E 149 7.37 21.71 12.25
C LYS E 149 7.11 20.91 10.95
N ASP E 150 5.87 20.45 10.75
CA ASP E 150 5.40 19.90 9.48
C ASP E 150 6.14 18.67 8.98
N TYR E 151 5.96 17.54 9.66
CA TYR E 151 6.51 16.28 9.21
C TYR E 151 5.43 15.22 9.01
N PHE E 152 5.83 14.14 8.36
CA PHE E 152 4.97 12.98 8.15
C PHE E 152 5.81 11.77 7.77
N PRO E 153 5.51 10.61 8.35
CA PRO E 153 4.52 10.31 9.36
C PRO E 153 5.13 10.49 10.75
N GLU E 154 4.39 10.15 11.80
CA GLU E 154 4.99 9.95 13.10
C GLU E 154 5.99 8.80 13.00
N PRO E 155 6.92 8.66 13.95
CA PRO E 155 7.23 9.49 15.12
C PRO E 155 8.46 10.40 14.91
N VAL E 156 8.68 11.31 15.86
CA VAL E 156 9.97 11.99 15.96
C VAL E 156 10.42 11.87 17.38
N THR E 157 11.72 11.72 17.57
CA THR E 157 12.29 11.63 18.90
C THR E 157 13.10 12.89 19.11
N VAL E 158 12.98 13.45 20.31
CA VAL E 158 13.76 14.62 20.69
C VAL E 158 14.50 14.33 21.99
N SER E 159 15.77 14.70 22.08
CA SER E 159 16.49 14.62 23.32
C SER E 159 17.21 15.93 23.46
N TRP E 160 17.85 16.18 24.61
CA TRP E 160 18.59 17.41 24.82
C TRP E 160 20.03 17.12 25.20
N ASN E 161 20.93 17.83 24.55
CA ASN E 161 22.36 17.73 24.79
C ASN E 161 22.82 16.26 24.79
N SER E 162 22.44 15.54 23.71
CA SER E 162 22.67 14.11 23.50
C SER E 162 22.38 13.23 24.70
N GLY E 163 21.36 13.59 25.47
CA GLY E 163 20.90 12.79 26.59
C GLY E 163 21.51 13.14 27.92
N ALA E 164 22.41 14.12 27.97
CA ALA E 164 23.03 14.52 29.23
C ALA E 164 22.18 15.52 30.00
N LEU E 165 21.10 15.97 29.38
CA LEU E 165 20.19 16.93 30.00
C LEU E 165 18.81 16.34 29.97
N THR E 166 18.24 16.11 31.15
CA THR E 166 17.01 15.34 31.28
C THR E 166 16.08 16.00 32.25
N SER E 167 16.62 16.61 33.29
CA SER E 167 15.79 17.35 34.22
C SER E 167 15.16 18.54 33.53
N GLY E 168 13.84 18.65 33.70
CA GLY E 168 13.11 19.81 33.23
C GLY E 168 12.69 19.68 31.78
N VAL E 169 12.91 18.51 31.19
CA VAL E 169 12.56 18.27 29.80
C VAL E 169 11.10 17.84 29.72
N HIS E 170 10.36 18.45 28.80
CA HIS E 170 8.99 18.07 28.52
C HIS E 170 8.72 18.14 27.00
N THR E 171 8.62 16.97 26.37
CA THR E 171 8.25 16.86 24.96
C THR E 171 6.76 16.61 24.83
N PHE E 172 6.10 17.42 24.02
CA PHE E 172 4.65 17.39 23.97
C PHE E 172 4.13 16.50 22.85
N PRO E 173 2.98 15.81 23.05
CA PRO E 173 2.42 15.07 21.92
C PRO E 173 2.16 15.97 20.70
N ALA E 174 2.35 15.41 19.50
CA ALA E 174 2.26 16.14 18.25
C ALA E 174 0.85 16.62 17.98
N VAL E 175 0.71 17.75 17.30
CA VAL E 175 -0.61 18.16 16.75
C VAL E 175 -0.69 17.60 15.34
N LEU E 176 -1.81 17.06 14.90
CA LEU E 176 -1.98 16.71 13.48
C LEU E 176 -2.78 17.80 12.83
N GLN E 177 -2.16 18.54 11.92
CA GLN E 177 -2.79 19.70 11.33
C GLN E 177 -3.69 19.31 10.17
N SER E 178 -4.49 20.27 9.72
CA SER E 178 -5.44 20.01 8.64
C SER E 178 -4.74 19.68 7.33
N SER E 179 -3.46 20.02 7.23
CA SER E 179 -2.62 19.61 6.11
C SER E 179 -2.30 18.11 6.10
N GLY E 180 -2.57 17.40 7.20
CA GLY E 180 -2.18 16.01 7.27
C GLY E 180 -0.73 15.90 7.75
N LEU E 181 -0.12 17.04 8.05
CA LEU E 181 1.25 17.06 8.57
C LEU E 181 1.25 17.29 10.10
N TYR E 182 2.20 16.67 10.80
CA TYR E 182 2.35 16.83 12.23
C TYR E 182 3.33 17.95 12.57
N SER E 183 3.15 18.49 13.78
CA SER E 183 4.11 19.39 14.42
C SER E 183 4.15 19.04 15.87
N LEU E 184 5.29 19.26 16.50
CA LEU E 184 5.51 18.91 17.90
C LEU E 184 6.48 19.91 18.50
N SER E 185 6.45 20.12 19.83
CA SER E 185 7.42 20.99 20.52
C SER E 185 8.09 20.26 21.70
N SER E 186 9.38 20.50 21.90
CA SER E 186 10.09 20.03 23.07
C SER E 186 10.70 21.22 23.81
N VAL E 187 10.54 21.25 25.13
CA VAL E 187 11.06 22.34 25.94
CA VAL E 187 11.01 22.34 25.96
C VAL E 187 11.88 21.84 27.12
N VAL E 188 12.80 22.70 27.57
CA VAL E 188 13.59 22.35 28.73
C VAL E 188 13.61 23.64 29.57
N THR E 189 13.32 23.51 30.88
CA THR E 189 13.37 24.63 31.80
C THR E 189 14.74 24.65 32.48
N VAL E 190 15.40 25.82 32.42
CA VAL E 190 16.78 25.97 32.78
C VAL E 190 16.95 27.26 33.54
N PRO E 191 18.04 27.41 34.28
CA PRO E 191 18.31 28.66 34.97
C PRO E 191 18.46 29.81 33.98
N SER E 192 17.80 30.92 34.25
CA SER E 192 17.81 32.03 33.32
C SER E 192 19.20 32.54 33.04
N SER E 193 20.07 32.48 34.06
CA SER E 193 21.41 33.04 33.96
C SER E 193 22.25 32.30 32.94
N SER E 194 21.84 31.07 32.60
CA SER E 194 22.62 30.20 31.71
C SER E 194 22.35 30.44 30.27
N LEU E 195 21.26 31.14 29.98
CA LEU E 195 20.93 31.42 28.60
C LEU E 195 22.05 32.27 27.99
N GLY E 196 22.47 32.03 26.77
CA GLY E 196 23.53 32.88 26.25
C GLY E 196 24.98 32.63 26.71
N THR E 197 25.19 31.90 27.81
CA THR E 197 26.52 31.33 28.13
C THR E 197 26.62 29.79 27.85
N GLN E 198 25.69 29.04 28.43
CA GLN E 198 25.61 27.58 28.29
C GLN E 198 24.96 27.15 26.98
N THR E 199 25.54 26.16 26.30
CA THR E 199 24.99 25.72 25.01
C THR E 199 24.00 24.62 25.26
N TYR E 200 22.83 24.78 24.63
CA TYR E 200 21.74 23.83 24.66
C TYR E 200 21.44 23.42 23.23
N ILE E 201 21.30 22.12 23.02
CA ILE E 201 21.12 21.56 21.70
C ILE E 201 19.99 20.53 21.77
N CYS E 202 18.98 20.64 20.91
CA CYS E 202 17.92 19.63 20.82
C CYS E 202 18.27 18.70 19.69
N ASN E 203 18.23 17.40 19.98
CA ASN E 203 18.59 16.39 19.01
C ASN E 203 17.33 15.81 18.47
N VAL E 204 17.02 16.14 17.21
CA VAL E 204 15.77 15.72 16.59
C VAL E 204 16.06 14.64 15.58
N ASN E 205 15.27 13.56 15.60
CA ASN E 205 15.40 12.52 14.59
C ASN E 205 14.04 12.14 14.06
N HIS E 206 13.90 12.20 12.74
CA HIS E 206 12.71 11.72 12.06
C HIS E 206 13.14 10.69 11.04
N LYS E 207 13.17 9.42 11.46
CA LYS E 207 13.81 8.39 10.63
C LYS E 207 13.20 8.25 9.24
N PRO E 208 11.85 8.31 9.12
CA PRO E 208 11.34 8.04 7.75
C PRO E 208 11.85 8.97 6.64
N SER E 209 12.35 10.17 6.97
CA SER E 209 12.95 11.05 5.97
C SER E 209 14.47 11.16 6.15
N ASN E 210 15.03 10.30 7.02
CA ASN E 210 16.38 10.47 7.60
C ASN E 210 16.71 11.91 7.83
N THR E 211 15.90 12.53 8.65
CA THR E 211 16.19 13.87 9.14
C THR E 211 16.71 13.75 10.55
N LYS E 212 17.97 14.09 10.74
CA LYS E 212 18.60 14.01 12.04
C LYS E 212 19.39 15.26 12.26
N VAL E 213 18.99 16.06 13.23
CA VAL E 213 19.52 17.40 13.35
C VAL E 213 19.79 17.68 14.78
N ASP E 214 20.93 18.30 15.09
CA ASP E 214 21.20 18.75 16.44
C ASP E 214 21.22 20.23 16.32
N LYS E 215 20.16 20.86 16.76
CA LYS E 215 20.02 22.32 16.62
C LYS E 215 20.43 23.04 17.90
N LYS E 216 21.39 23.94 17.77
CA LYS E 216 21.78 24.76 18.89
C LYS E 216 20.73 25.85 19.06
N VAL E 217 20.25 26.02 20.28
CA VAL E 217 19.25 27.03 20.60
C VAL E 217 19.93 28.26 21.19
N GLU E 218 20.08 29.33 20.40
CA GLU E 218 20.80 30.52 20.85
C GLU E 218 19.94 31.38 21.78
N PRO E 219 20.58 32.20 22.62
CA PRO E 219 19.77 33.22 23.30
C PRO E 219 19.08 34.11 22.27
N LYS E 220 17.86 34.54 22.53
CA LYS E 220 17.15 35.45 21.64
C LYS E 220 17.75 36.85 21.68
N GLN F 1 -13.44 -16.44 16.70
CA GLN F 1 -12.45 -15.90 17.61
C GLN F 1 -13.00 -15.81 19.02
N ALA F 2 -12.22 -16.29 19.99
CA ALA F 2 -12.62 -16.27 21.36
C ALA F 2 -12.66 -14.82 21.88
N VAL F 3 -13.57 -14.54 22.78
CA VAL F 3 -13.75 -13.21 23.35
C VAL F 3 -13.49 -13.12 24.85
N VAL F 4 -12.64 -12.18 25.24
CA VAL F 4 -12.28 -11.93 26.63
C VAL F 4 -12.84 -10.58 27.08
N THR F 5 -13.55 -10.60 28.21
CA THR F 5 -14.34 -9.45 28.68
C THR F 5 -13.86 -8.96 30.04
N GLN F 6 -13.62 -7.65 30.11
CA GLN F 6 -13.27 -6.92 31.33
C GLN F 6 -14.25 -5.76 31.57
N GLU F 7 -14.40 -5.32 32.82
CA GLU F 7 -15.13 -4.09 33.11
C GLU F 7 -14.45 -3.01 32.32
N SER F 8 -15.21 -2.08 31.75
CA SER F 8 -14.61 -1.05 30.93
C SER F 8 -13.97 -0.03 31.84
N ALA F 9 -14.57 0.22 33.01
CA ALA F 9 -14.05 1.22 33.92
C ALA F 9 -14.47 0.98 35.37
N LEU F 10 -13.57 1.31 36.28
CA LEU F 10 -13.89 1.26 37.69
C LEU F 10 -13.26 2.44 38.42
N THR F 11 -13.91 2.88 39.50
CA THR F 11 -13.39 3.90 40.39
C THR F 11 -13.06 3.31 41.77
N THR F 12 -12.04 3.86 42.42
CA THR F 12 -11.73 3.48 43.77
C THR F 12 -11.18 4.73 44.45
N SER F 13 -10.89 4.65 45.75
CA SER F 13 -10.27 5.75 46.49
C SER F 13 -9.01 5.26 47.15
N PRO F 14 -8.05 6.18 47.42
CA PRO F 14 -6.82 5.73 48.06
C PRO F 14 -7.10 5.01 49.36
N GLY F 15 -6.52 3.83 49.51
CA GLY F 15 -6.69 3.02 50.71
C GLY F 15 -7.65 1.87 50.51
N GLU F 16 -8.64 2.05 49.65
CA GLU F 16 -9.68 1.05 49.47
C GLU F 16 -9.20 -0.16 48.67
N THR F 17 -9.95 -1.24 48.73
CA THR F 17 -9.67 -2.41 47.91
C THR F 17 -10.59 -2.43 46.70
N VAL F 18 -10.02 -2.80 45.56
CA VAL F 18 -10.76 -2.84 44.32
C VAL F 18 -10.48 -4.15 43.60
N THR F 19 -11.48 -4.66 42.90
CA THR F 19 -11.32 -5.95 42.22
C THR F 19 -11.67 -5.82 40.76
N LEU F 20 -10.74 -6.18 39.89
CA LEU F 20 -11.00 -6.25 38.45
C LEU F 20 -11.20 -7.69 38.02
N THR F 21 -12.04 -7.93 37.01
CA THR F 21 -12.27 -9.30 36.56
C THR F 21 -12.12 -9.45 35.05
N CYS F 22 -11.91 -10.71 34.70
CA CYS F 22 -11.71 -11.13 33.33
C CYS F 22 -12.56 -12.36 33.11
N ARG F 23 -13.28 -12.37 32.00
CA ARG F 23 -14.17 -13.45 31.65
C ARG F 23 -13.82 -14.01 30.29
N SER F 24 -14.01 -15.31 30.13
CA SER F 24 -13.79 -16.00 28.86
C SER F 24 -15.12 -16.41 28.23
N SER F 25 -15.28 -16.20 26.93
CA SER F 25 -16.52 -16.54 26.27
C SER F 25 -16.73 -18.06 26.14
N THR F 26 -15.68 -18.85 26.30
CA THR F 26 -15.82 -20.27 26.03
C THR F 26 -16.26 -21.08 27.25
N GLY F 27 -16.23 -20.47 28.43
CA GLY F 27 -16.56 -21.20 29.64
C GLY F 27 -15.86 -20.59 30.84
N ALA F 28 -15.85 -21.32 31.95
CA ALA F 28 -15.16 -20.85 33.15
C ALA F 28 -13.68 -20.62 32.84
N VAL F 29 -13.08 -19.62 33.48
CA VAL F 29 -11.63 -19.44 33.38
C VAL F 29 -10.93 -20.40 34.34
N THR F 30 -10.06 -21.23 33.78
CA THR F 30 -9.33 -22.25 34.52
C THR F 30 -7.82 -22.04 34.47
N SER F 31 -7.08 -22.90 35.16
CA SER F 31 -5.63 -22.72 35.29
C SER F 31 -4.92 -22.78 33.94
N GLY F 32 -5.47 -23.58 33.02
CA GLY F 32 -4.91 -23.73 31.68
C GLY F 32 -5.02 -22.47 30.83
N ASN F 33 -5.72 -21.46 31.34
CA ASN F 33 -5.81 -20.20 30.63
C ASN F 33 -4.71 -19.24 31.03
N PHE F 34 -3.96 -19.62 32.08
CA PHE F 34 -2.79 -18.87 32.56
C PHE F 34 -3.06 -17.38 32.64
N ALA F 35 -4.19 -17.03 33.25
CA ALA F 35 -4.65 -15.63 33.28
C ALA F 35 -3.50 -14.70 33.58
N ASN F 36 -3.36 -13.74 32.65
CA ASN F 36 -2.23 -12.84 32.53
C ASN F 36 -2.70 -11.39 32.66
N TRP F 37 -2.10 -10.62 33.56
CA TRP F 37 -2.46 -9.20 33.70
C TRP F 37 -1.32 -8.22 33.40
N VAL F 38 -1.57 -7.20 32.57
CA VAL F 38 -0.61 -6.10 32.44
C VAL F 38 -1.24 -4.71 32.64
N GLN F 39 -0.45 -3.85 33.24
CA GLN F 39 -0.83 -2.47 33.51
C GLN F 39 -0.22 -1.54 32.46
N GLU F 40 -1.04 -0.66 31.91
CA GLU F 40 -0.52 0.39 31.04
C GLU F 40 -0.65 1.76 31.71
N LYS F 41 0.47 2.43 31.79
CA LYS F 41 0.54 3.76 32.36
C LYS F 41 0.85 4.70 31.19
N PRO F 42 0.76 6.02 31.43
CA PRO F 42 1.05 7.05 30.43
C PRO F 42 2.34 6.84 29.66
N ASP F 43 2.37 7.37 28.44
CA ASP F 43 3.48 7.16 27.51
C ASP F 43 3.75 5.68 27.27
N HIS F 44 2.69 4.88 27.20
CA HIS F 44 2.80 3.48 26.80
C HIS F 44 3.87 2.74 27.63
N LEU F 45 3.79 2.94 28.93
CA LEU F 45 4.58 2.19 29.90
C LEU F 45 3.84 0.92 30.30
N PHE F 46 4.22 -0.22 29.71
CA PHE F 46 3.64 -1.51 30.06
C PHE F 46 4.40 -2.24 31.18
N THR F 47 3.67 -2.85 32.10
CA THR F 47 4.25 -3.63 33.18
C THR F 47 3.46 -4.91 33.48
N GLY F 48 4.12 -6.06 33.39
CA GLY F 48 3.49 -7.32 33.73
C GLY F 48 3.27 -7.46 35.24
N LEU F 49 2.03 -7.71 35.65
CA LEU F 49 1.69 -7.78 37.06
C LEU F 49 1.58 -9.21 37.51
N ILE F 50 0.82 -9.98 36.74
CA ILE F 50 0.45 -11.35 37.09
C ILE F 50 0.58 -12.33 35.92
N GLY F 51 1.06 -13.53 36.22
CA GLY F 51 1.07 -14.62 35.25
C GLY F 51 0.43 -15.85 35.86
N GLY F 52 -0.20 -16.69 35.05
CA GLY F 52 -0.79 -17.92 35.56
C GLY F 52 -1.75 -17.68 36.71
N ALA F 53 -2.61 -16.66 36.57
CA ALA F 53 -3.64 -16.32 37.54
C ALA F 53 -3.12 -15.69 38.86
N ASP F 54 -2.07 -16.24 39.46
CA ASP F 54 -1.62 -15.71 40.74
C ASP F 54 -0.11 -15.45 40.92
N ASN F 55 0.71 -15.76 39.92
CA ASN F 55 2.14 -15.44 40.01
C ASN F 55 2.41 -13.95 39.92
N ARG F 56 2.85 -13.36 41.02
CA ARG F 56 3.17 -11.92 41.02
C ARG F 56 4.60 -11.69 40.59
N ALA F 57 4.77 -10.83 39.59
CA ALA F 57 6.07 -10.56 39.03
C ALA F 57 6.99 -9.91 40.07
N PRO F 58 8.30 -10.21 40.02
CA PRO F 58 9.25 -9.48 40.88
C PRO F 58 9.18 -7.99 40.63
N GLY F 59 9.29 -7.20 41.69
CA GLY F 59 9.20 -5.75 41.59
C GLY F 59 7.79 -5.21 41.70
N VAL F 60 6.80 -6.08 41.60
CA VAL F 60 5.41 -5.66 41.73
C VAL F 60 5.04 -5.57 43.21
N PRO F 61 4.43 -4.44 43.62
CA PRO F 61 4.07 -4.31 45.04
C PRO F 61 3.18 -5.45 45.53
N ALA F 62 3.23 -5.69 46.83
CA ALA F 62 2.46 -6.77 47.43
C ALA F 62 0.96 -6.57 47.27
N ARG F 63 0.53 -5.31 47.15
CA ARG F 63 -0.89 -5.00 47.17
C ARG F 63 -1.61 -5.50 45.93
N PHE F 64 -0.87 -5.87 44.88
CA PHE F 64 -1.49 -6.52 43.73
C PHE F 64 -1.50 -8.02 43.99
N SER F 65 -2.64 -8.65 43.75
CA SER F 65 -2.72 -10.10 43.80
C SER F 65 -3.67 -10.61 42.73
N GLY F 66 -3.60 -11.91 42.47
CA GLY F 66 -4.38 -12.52 41.41
C GLY F 66 -4.96 -13.83 41.87
N SER F 67 -6.14 -14.15 41.37
CA SER F 67 -6.85 -15.33 41.85
C SER F 67 -7.97 -15.72 40.90
N LEU F 68 -8.51 -16.89 41.06
CA LEU F 68 -9.61 -17.27 40.23
C LEU F 68 -10.78 -17.23 41.16
N ILE F 69 -11.79 -16.47 40.84
CA ILE F 69 -12.94 -16.34 41.68
C ILE F 69 -14.06 -16.74 40.79
N GLY F 70 -14.84 -17.69 41.26
CA GLY F 70 -15.93 -18.18 40.47
C GLY F 70 -15.44 -18.70 39.18
N ASP F 71 -16.07 -18.26 38.13
CA ASP F 71 -15.71 -18.68 36.82
C ASP F 71 -14.80 -17.74 36.13
N LYS F 72 -14.32 -16.72 36.83
CA LYS F 72 -13.45 -15.71 36.25
C LYS F 72 -12.08 -15.60 36.85
N ALA F 73 -11.28 -14.77 36.22
CA ALA F 73 -9.97 -14.43 36.72
C ALA F 73 -10.05 -13.04 37.32
N ALA F 74 -9.35 -12.81 38.45
CA ALA F 74 -9.43 -11.55 39.18
C ALA F 74 -8.06 -10.97 39.51
N LEU F 75 -8.02 -9.64 39.55
CA LEU F 75 -6.91 -8.85 40.02
C LEU F 75 -7.39 -8.06 41.20
N ILE F 76 -6.83 -8.28 42.39
CA ILE F 76 -7.21 -7.51 43.56
C ILE F 76 -6.10 -6.55 43.93
N ILE F 77 -6.49 -5.31 44.21
CA ILE F 77 -5.56 -4.31 44.71
C ILE F 77 -5.96 -3.92 46.12
N THR F 78 -5.12 -4.29 47.08
CA THR F 78 -5.40 -4.08 48.49
C THR F 78 -4.30 -3.26 49.16
N GLY F 79 -4.40 -1.93 49.28
CA GLY F 79 -5.50 -1.10 48.84
C GLY F 79 -4.92 0.06 48.07
N ALA F 80 -5.66 0.47 47.05
CA ALA F 80 -5.20 1.35 45.99
C ALA F 80 -4.42 2.61 46.40
N GLN F 81 -3.41 2.92 45.59
CA GLN F 81 -2.64 4.17 45.70
C GLN F 81 -2.99 5.02 44.50
N THR F 82 -2.78 6.33 44.59
CA THR F 82 -3.13 7.25 43.50
C THR F 82 -2.36 6.92 42.22
N GLU F 83 -1.20 6.30 42.41
CA GLU F 83 -0.30 5.87 41.34
C GLU F 83 -0.76 4.59 40.65
N ASP F 84 -1.91 4.05 41.06
CA ASP F 84 -2.47 2.88 40.39
C ASP F 84 -3.50 3.28 39.34
N GLU F 85 -3.71 4.57 39.17
CA GLU F 85 -4.54 5.05 38.07
C GLU F 85 -3.88 4.64 36.78
N ALA F 86 -4.51 3.71 36.08
CA ALA F 86 -3.88 3.05 34.94
C ALA F 86 -4.93 2.28 34.20
N ILE F 87 -4.53 1.70 33.08
CA ILE F 87 -5.34 0.70 32.40
C ILE F 87 -4.78 -0.68 32.65
N TYR F 88 -5.65 -1.62 32.96
CA TYR F 88 -5.27 -2.95 33.32
C TYR F 88 -5.78 -3.93 32.29
N PHE F 89 -4.87 -4.65 31.63
CA PHE F 89 -5.25 -5.62 30.61
C PHE F 89 -5.14 -7.02 31.14
N CYS F 90 -6.10 -7.83 30.71
CA CYS F 90 -6.13 -9.23 31.09
C CYS F 90 -6.09 -10.04 29.79
N ALA F 91 -5.18 -11.00 29.73
CA ALA F 91 -5.09 -11.88 28.55
C ALA F 91 -5.23 -13.32 29.00
N LEU F 92 -5.88 -14.14 28.16
CA LEU F 92 -6.07 -15.55 28.46
C LEU F 92 -5.41 -16.43 27.40
N TRP F 93 -4.95 -17.61 27.84
CA TRP F 93 -4.29 -18.56 26.95
C TRP F 93 -5.29 -19.61 26.49
N TYR F 94 -5.38 -19.83 25.18
CA TYR F 94 -6.22 -20.88 24.65
C TYR F 94 -5.37 -21.88 23.85
N SER F 95 -4.63 -22.71 24.58
CA SER F 95 -3.85 -23.83 24.01
C SER F 95 -2.63 -23.40 23.20
N ASP F 96 -2.85 -22.55 22.19
CA ASP F 96 -1.75 -22.16 21.30
C ASP F 96 -1.75 -20.67 20.93
N HIS F 97 -2.42 -19.84 21.74
CA HIS F 97 -2.45 -18.40 21.53
C HIS F 97 -3.05 -17.65 22.73
N TRP F 98 -2.61 -16.40 22.91
CA TRP F 98 -3.18 -15.49 23.90
C TRP F 98 -4.23 -14.63 23.24
N VAL F 99 -5.28 -14.28 24.00
CA VAL F 99 -6.26 -13.31 23.59
C VAL F 99 -6.37 -12.23 24.67
N PHE F 100 -6.21 -10.96 24.32
CA PHE F 100 -6.34 -9.88 25.31
C PHE F 100 -7.80 -9.43 25.47
N GLY F 101 -8.17 -9.06 26.69
CA GLY F 101 -9.44 -8.43 26.95
C GLY F 101 -9.31 -6.97 26.53
N GLY F 102 -10.38 -6.19 26.60
CA GLY F 102 -10.34 -4.78 26.22
C GLY F 102 -9.73 -3.84 27.25
N GLY F 103 -9.38 -4.36 28.43
CA GLY F 103 -8.75 -3.55 29.45
C GLY F 103 -9.77 -2.76 30.24
N THR F 104 -9.42 -2.46 31.50
CA THR F 104 -10.24 -1.66 32.39
C THR F 104 -9.53 -0.37 32.76
N LYS F 105 -10.17 0.78 32.61
CA LYS F 105 -9.59 2.04 33.06
C LYS F 105 -9.91 2.24 34.54
N LEU F 106 -8.89 2.20 35.39
CA LEU F 106 -9.10 2.36 36.81
C LEU F 106 -8.83 3.81 37.17
N THR F 107 -9.85 4.46 37.72
CA THR F 107 -9.70 5.82 38.23
C THR F 107 -9.57 5.76 39.73
N VAL F 108 -8.61 6.52 40.27
CA VAL F 108 -8.51 6.70 41.70
C VAL F 108 -8.90 8.11 42.05
N LEU F 109 -10.00 8.23 42.81
CA LEU F 109 -10.52 9.53 43.22
C LEU F 109 -9.58 10.28 44.16
N GLY F 110 -9.90 11.54 44.40
CA GLY F 110 -9.22 12.31 45.43
C GLY F 110 -8.07 13.15 44.90
N GLN F 111 -7.75 13.01 43.63
CA GLN F 111 -6.72 13.87 43.06
C GLN F 111 -7.18 15.33 43.03
N PRO F 112 -6.31 16.26 43.47
CA PRO F 112 -6.62 17.70 43.54
C PRO F 112 -6.59 18.44 42.21
N LYS F 113 -7.50 19.38 42.06
CA LYS F 113 -7.54 20.21 40.88
C LYS F 113 -6.22 20.94 40.72
N ALA F 114 -5.72 20.99 39.49
CA ALA F 114 -4.45 21.65 39.21
C ALA F 114 -4.63 22.59 38.02
N ALA F 115 -4.21 23.84 38.17
CA ALA F 115 -4.34 24.80 37.09
C ALA F 115 -3.17 24.60 36.16
N PRO F 116 -3.36 24.87 34.85
CA PRO F 116 -2.33 24.70 33.84
C PRO F 116 -1.19 25.69 33.97
N SER F 117 0.01 25.28 33.58
CA SER F 117 1.08 26.20 33.31
C SER F 117 0.99 26.55 31.85
N VAL F 118 1.23 27.79 31.50
CA VAL F 118 1.13 28.19 30.11
C VAL F 118 2.43 28.84 29.69
N THR F 119 3.00 28.35 28.61
CA THR F 119 4.22 28.93 28.05
C THR F 119 3.93 29.31 26.61
N LEU F 120 4.15 30.57 26.27
CA LEU F 120 3.90 31.04 24.90
C LEU F 120 5.16 31.56 24.23
N PHE F 121 5.45 31.02 23.03
CA PHE F 121 6.61 31.43 22.23
C PHE F 121 6.15 32.16 20.94
N PRO F 122 6.81 33.26 20.56
CA PRO F 122 6.54 33.91 19.27
C PRO F 122 7.26 33.19 18.15
N PRO F 123 7.02 33.59 16.89
CA PRO F 123 7.79 32.95 15.83
C PRO F 123 9.26 33.25 15.99
N SER F 124 10.10 32.31 15.60
CA SER F 124 11.53 32.54 15.60
C SER F 124 11.92 33.38 14.37
N SER F 125 13.10 33.99 14.42
CA SER F 125 13.57 34.78 13.30
C SER F 125 13.87 33.87 12.13
N GLU F 126 14.28 32.65 12.42
CA GLU F 126 14.50 31.67 11.35
C GLU F 126 13.22 31.34 10.61
N GLU F 127 12.15 31.07 11.37
CA GLU F 127 10.89 30.76 10.73
C GLU F 127 10.43 31.97 9.88
N LEU F 128 10.60 33.18 10.41
CA LEU F 128 10.19 34.39 9.70
C LEU F 128 11.04 34.60 8.46
N GLN F 129 12.30 34.22 8.53
CA GLN F 129 13.16 34.37 7.38
C GLN F 129 12.75 33.42 6.27
N ALA F 130 12.05 32.35 6.64
CA ALA F 130 11.50 31.41 5.68
C ALA F 130 10.08 31.83 5.26
N ASN F 131 9.66 33.02 5.67
CA ASN F 131 8.37 33.58 5.25
C ASN F 131 7.21 32.81 5.81
N LYS F 132 7.38 32.38 7.06
CA LYS F 132 6.35 31.73 7.82
C LYS F 132 6.41 32.27 9.24
N ALA F 133 5.39 31.94 10.02
CA ALA F 133 5.28 32.39 11.39
C ALA F 133 4.34 31.45 12.18
N THR F 134 4.82 30.96 13.33
CA THR F 134 4.03 30.08 14.21
C THR F 134 4.15 30.47 15.67
N LEU F 135 3.00 30.70 16.31
CA LEU F 135 2.97 31.00 17.72
C LEU F 135 2.69 29.69 18.48
N VAL F 136 3.43 29.43 19.56
CA VAL F 136 3.36 28.14 20.24
C VAL F 136 2.91 28.28 21.67
N CYS F 137 1.80 27.64 22.00
CA CYS F 137 1.24 27.75 23.32
C CYS F 137 1.29 26.37 23.96
N LEU F 138 2.17 26.21 24.94
CA LEU F 138 2.29 24.93 25.61
C LEU F 138 1.58 24.98 26.91
N ILE F 139 0.82 23.93 27.18
CA ILE F 139 -0.08 23.91 28.33
C ILE F 139 0.15 22.63 29.11
N SER F 140 0.61 22.71 30.36
CA SER F 140 0.94 21.46 31.07
C SER F 140 0.51 21.44 32.52
N ASP F 141 0.47 20.22 33.02
CA ASP F 141 0.21 19.90 34.42
C ASP F 141 -1.15 20.35 34.94
N PHE F 142 -2.18 20.25 34.09
CA PHE F 142 -3.53 20.58 34.53
C PHE F 142 -4.38 19.36 34.78
N TYR F 143 -5.30 19.49 35.72
CA TYR F 143 -6.20 18.43 36.09
C TYR F 143 -7.47 19.04 36.67
N PRO F 144 -8.65 18.54 36.26
CA PRO F 144 -9.02 17.47 35.32
C PRO F 144 -8.56 17.79 33.88
N GLY F 145 -8.67 16.84 32.97
CA GLY F 145 -8.01 17.00 31.70
C GLY F 145 -8.83 17.66 30.62
N ALA F 146 -9.42 18.80 30.91
CA ALA F 146 -10.11 19.56 29.89
C ALA F 146 -9.78 21.04 30.01
N VAL F 147 -9.40 21.64 28.88
CA VAL F 147 -9.12 23.09 28.80
C VAL F 147 -9.77 23.64 27.55
N THR F 148 -9.98 24.94 27.53
CA THR F 148 -10.40 25.67 26.33
C THR F 148 -9.31 26.68 25.99
N VAL F 149 -8.92 26.79 24.73
CA VAL F 149 -7.88 27.73 24.34
C VAL F 149 -8.46 28.80 23.43
N ALA F 150 -8.12 30.05 23.67
CA ALA F 150 -8.59 31.13 22.80
C ALA F 150 -7.39 31.98 22.42
N TRP F 151 -7.31 32.37 21.15
CA TRP F 151 -6.21 33.24 20.70
C TRP F 151 -6.79 34.62 20.45
N LYS F 152 -5.98 35.63 20.73
CA LYS F 152 -6.38 37.02 20.53
C LYS F 152 -5.32 37.72 19.73
N ALA F 153 -5.71 38.50 18.72
CA ALA F 153 -4.79 39.39 18.02
C ALA F 153 -5.08 40.77 18.56
N ASP F 154 -4.11 41.38 19.24
CA ASP F 154 -4.42 42.48 20.14
C ASP F 154 -5.57 42.02 21.05
N SER F 155 -6.76 42.59 20.85
CA SER F 155 -7.95 42.26 21.65
C SER F 155 -9.03 41.50 20.87
N SER F 156 -8.84 41.33 19.57
CA SER F 156 -9.84 40.66 18.75
C SER F 156 -9.65 39.16 18.72
N PRO F 157 -10.76 38.40 18.69
CA PRO F 157 -10.55 36.96 18.58
C PRO F 157 -9.94 36.57 17.24
N VAL F 158 -9.11 35.53 17.26
CA VAL F 158 -8.53 34.94 16.06
C VAL F 158 -8.99 33.50 16.03
N LYS F 159 -9.59 33.10 14.91
CA LYS F 159 -10.03 31.73 14.73
C LYS F 159 -9.26 31.00 13.62
N ALA F 160 -8.97 31.70 12.53
CA ALA F 160 -8.22 31.14 11.41
C ALA F 160 -6.79 30.72 11.79
N GLY F 161 -6.38 29.52 11.36
CA GLY F 161 -5.02 29.04 11.56
C GLY F 161 -4.71 28.43 12.94
N VAL F 162 -5.73 28.14 13.74
CA VAL F 162 -5.51 27.60 15.06
C VAL F 162 -5.58 26.07 15.02
N GLU F 163 -4.56 25.38 15.53
CA GLU F 163 -4.58 23.93 15.60
C GLU F 163 -4.25 23.50 17.02
N THR F 164 -5.17 22.81 17.71
CA THR F 164 -5.02 22.52 19.13
C THR F 164 -5.12 21.03 19.43
N THR F 165 -4.27 20.49 20.31
CA THR F 165 -4.26 19.03 20.49
C THR F 165 -5.34 18.60 21.45
N THR F 166 -5.73 17.33 21.42
CA THR F 166 -6.45 16.73 22.54
C THR F 166 -5.56 16.68 23.81
N PRO F 167 -6.14 16.82 24.99
CA PRO F 167 -5.24 16.68 26.15
C PRO F 167 -4.68 15.26 26.29
N SER F 168 -3.50 15.12 26.90
CA SER F 168 -2.82 13.83 27.06
C SER F 168 -2.35 13.62 28.48
N LYS F 169 -2.64 12.45 29.02
CA LYS F 169 -2.27 12.15 30.41
C LYS F 169 -0.78 11.99 30.51
N GLN F 170 -0.14 12.81 31.34
CA GLN F 170 1.28 12.71 31.69
C GLN F 170 1.50 11.59 32.72
N SER F 171 2.77 11.23 32.92
CA SER F 171 3.18 10.24 33.92
C SER F 171 2.69 10.53 35.30
N ASN F 172 2.64 11.83 35.64
CA ASN F 172 2.14 12.29 36.93
C ASN F 172 0.63 12.51 37.01
N ASN F 173 -0.10 11.95 36.05
CA ASN F 173 -1.55 11.88 36.08
C ASN F 173 -2.26 13.18 35.77
N LYS F 174 -1.50 14.25 35.55
CA LYS F 174 -2.07 15.51 35.07
C LYS F 174 -1.98 15.52 33.57
N TYR F 175 -2.45 16.57 32.92
CA TYR F 175 -2.61 16.57 31.47
C TYR F 175 -1.75 17.62 30.80
N ALA F 176 -1.45 17.40 29.53
CA ALA F 176 -0.72 18.35 28.71
C ALA F 176 -1.48 18.58 27.43
N ALA F 177 -1.38 19.77 26.87
CA ALA F 177 -1.91 20.04 25.56
C ALA F 177 -1.07 21.14 24.95
N SER F 178 -1.28 21.41 23.67
CA SER F 178 -0.65 22.55 23.03
C SER F 178 -1.47 23.08 21.88
N SER F 179 -1.24 24.33 21.53
CA SER F 179 -1.99 24.96 20.48
C SER F 179 -1.06 25.81 19.64
N TYR F 180 -1.23 25.72 18.33
CA TYR F 180 -0.43 26.41 17.34
C TYR F 180 -1.27 27.38 16.53
N LEU F 181 -0.85 28.64 16.48
CA LEU F 181 -1.47 29.63 15.59
C LEU F 181 -0.53 29.93 14.44
N SER F 182 -0.92 29.54 13.23
CA SER F 182 -0.16 29.86 12.02
C SER F 182 -0.52 31.22 11.46
N LEU F 183 0.50 32.00 11.15
CA LEU F 183 0.33 33.35 10.61
C LEU F 183 1.30 33.59 9.48
N THR F 184 1.06 34.67 8.76
CA THR F 184 2.07 35.19 7.85
C THR F 184 2.99 36.11 8.64
N PRO F 185 4.21 36.31 8.14
CA PRO F 185 5.04 37.38 8.73
C PRO F 185 4.30 38.71 8.70
N GLU F 186 3.42 38.86 7.73
CA GLU F 186 2.64 40.07 7.60
C GLU F 186 1.68 40.27 8.80
N GLN F 187 0.83 39.29 9.05
CA GLN F 187 -0.12 39.35 10.15
C GLN F 187 0.55 39.53 11.50
N TRP F 188 1.70 38.91 11.68
CA TRP F 188 2.46 38.97 12.93
C TRP F 188 2.97 40.38 13.25
N LYS F 189 3.61 41.00 12.26
CA LYS F 189 4.20 42.33 12.45
C LYS F 189 3.20 43.48 12.31
N SER F 190 1.93 43.17 11.99
CA SER F 190 0.92 44.23 11.83
C SER F 190 0.07 44.49 13.09
N HIS F 191 0.03 43.54 14.02
CA HIS F 191 -0.60 43.79 15.33
C HIS F 191 0.46 44.09 16.38
N LYS F 192 0.04 44.68 17.50
CA LYS F 192 0.95 45.01 18.59
C LYS F 192 1.22 43.80 19.46
N SER F 193 0.26 42.89 19.51
CA SER F 193 0.40 41.70 20.34
C SER F 193 -0.52 40.58 19.92
N TYR F 194 -0.09 39.34 20.22
CA TYR F 194 -0.97 38.16 20.21
C TYR F 194 -0.97 37.51 21.60
N SER F 195 -2.09 36.87 21.96
CA SER F 195 -2.26 36.29 23.28
C SER F 195 -2.83 34.88 23.23
N CYS F 196 -2.41 34.06 24.19
CA CYS F 196 -2.93 32.71 24.37
C CYS F 196 -3.67 32.71 25.67
N GLN F 197 -4.97 32.46 25.64
CA GLN F 197 -5.79 32.45 26.83
C GLN F 197 -6.32 31.05 27.06
N VAL F 198 -5.93 30.42 28.16
CA VAL F 198 -6.30 29.03 28.44
C VAL F 198 -7.26 29.05 29.59
N THR F 199 -8.47 28.54 29.38
CA THR F 199 -9.47 28.42 30.43
C THR F 199 -9.61 26.99 30.95
N HIS F 200 -9.54 26.81 32.27
CA HIS F 200 -9.56 25.50 32.93
C HIS F 200 -10.44 25.59 34.14
N GLU F 201 -11.55 24.87 34.15
CA GLU F 201 -12.55 24.96 35.24
C GLU F 201 -12.94 26.40 35.61
N GLY F 202 -13.36 27.20 34.64
CA GLY F 202 -13.80 28.55 34.96
C GLY F 202 -12.73 29.62 35.23
N SER F 203 -11.49 29.21 35.49
CA SER F 203 -10.39 30.18 35.64
C SER F 203 -9.50 30.22 34.40
N THR F 204 -8.95 31.40 34.10
CA THR F 204 -8.22 31.59 32.86
C THR F 204 -6.80 32.08 33.12
N VAL F 205 -5.85 31.46 32.43
CA VAL F 205 -4.45 31.87 32.43
C VAL F 205 -4.08 32.42 31.05
N GLU F 206 -3.47 33.61 31.01
CA GLU F 206 -3.12 34.26 29.74
C GLU F 206 -1.65 34.65 29.60
N LYS F 207 -1.09 34.37 28.42
CA LYS F 207 0.28 34.78 28.06
C LYS F 207 0.23 35.60 26.79
N THR F 208 1.20 36.50 26.61
CA THR F 208 1.16 37.50 25.54
C THR F 208 2.57 37.69 25.00
N VAL F 209 2.70 37.80 23.69
CA VAL F 209 3.98 38.17 23.07
C VAL F 209 3.80 39.27 22.01
N ALA F 210 4.86 40.00 21.70
CA ALA F 210 4.79 41.05 20.67
C ALA F 210 6.05 41.07 19.82
N PRO F 211 5.97 41.65 18.61
CA PRO F 211 7.24 41.82 17.89
C PRO F 211 8.24 42.75 18.61
N THR F 212 9.28 42.14 19.17
CA THR F 212 10.32 42.86 19.91
C THR F 212 11.64 42.08 19.91
#